data_1Q4K
#
_entry.id   1Q4K
#
_cell.length_a   57.071
_cell.length_b   56.888
_cell.length_c   85.050
_cell.angle_alpha   91.45
_cell.angle_beta   103.21
_cell.angle_gamma   118.50
#
_symmetry.space_group_name_H-M   'P 1'
#
loop_
_entity.id
_entity.type
_entity.pdbx_description
1 polymer 'Serine/threonine-protein kinase PLK'
2 polymer 'Phospho-peptide sequence Met.Gln.Ser.pThr.Pro.Leu'
3 water water
#
loop_
_entity_poly.entity_id
_entity_poly.type
_entity_poly.pdbx_seq_one_letter_code
_entity_poly.pdbx_strand_id
1 'polypeptide(L)'
;KGLENPLPERPREKEEPVVRETGEVVDCHLSDMLQQLHSVNASKPSERGLVRQEEAEDPACIPIFWVSKWVDYSDKYGLG
YQLCDNSVGVLFNDSTRLILYNDGDSLQYIERDGTESYLTVSSHPNSLMKKITLLKYFRNYMSEHLLKAGANITPREGDE
LARLPYLRTWFRTRSAIILHLSNGSVQINFFQDHTKLILCPLMAAVTYIDEKRDFRTYRLSLLEEYGCCKELASRLRYAR
TMVDKLLSSRSASNRLKAS
;
B,A,C
2 'polypeptide(L)' MQS(TPO)PL D,E,F
#
# COMPACT_ATOMS: atom_id res chain seq x y z
N ASP A 27 23.81 -3.26 -26.57
CA ASP A 27 25.11 -2.51 -26.63
C ASP A 27 25.51 -1.82 -25.30
N CYS A 28 24.58 -1.80 -24.34
CA CYS A 28 24.86 -1.39 -22.97
C CYS A 28 24.88 0.14 -22.71
N HIS A 29 24.79 0.99 -23.75
CA HIS A 29 24.89 2.45 -23.58
C HIS A 29 23.88 3.02 -22.57
N LEU A 30 22.60 2.68 -22.74
CA LEU A 30 21.55 3.15 -21.83
C LEU A 30 21.70 2.60 -20.42
N SER A 31 21.96 1.31 -20.29
CA SER A 31 22.25 0.73 -18.97
C SER A 31 23.41 1.44 -18.28
N ASP A 32 24.48 1.72 -19.02
CA ASP A 32 25.62 2.45 -18.48
C ASP A 32 25.25 3.86 -18.04
N MET A 33 24.41 4.52 -18.81
CA MET A 33 23.99 5.88 -18.51
C MET A 33 23.13 5.91 -17.27
N LEU A 34 22.21 4.96 -17.18
CA LEU A 34 21.34 4.82 -16.02
C LEU A 34 22.19 4.64 -14.77
N GLN A 35 23.25 3.86 -14.91
CA GLN A 35 24.14 3.58 -13.78
C GLN A 35 24.90 4.86 -13.38
N GLN A 36 25.38 5.62 -14.36
CA GLN A 36 26.13 6.84 -14.05
C GLN A 36 25.20 7.85 -13.38
N LEU A 37 23.94 7.89 -13.79
CA LEU A 37 23.01 8.89 -13.26
C LEU A 37 22.57 8.45 -11.88
N HIS A 38 22.40 7.15 -11.68
CA HIS A 38 22.05 6.65 -10.35
C HIS A 38 23.17 6.97 -9.38
N SER A 39 24.42 6.71 -9.74
CA SER A 39 25.49 7.02 -8.79
C SER A 39 25.47 8.50 -8.42
N VAL A 40 25.46 9.39 -9.41
CA VAL A 40 25.50 10.84 -9.14
C VAL A 40 24.28 11.32 -8.34
N ASN A 41 23.09 10.92 -8.75
CA ASN A 41 21.89 11.30 -8.01
C ASN A 41 21.84 10.69 -6.60
N ALA A 42 22.44 9.52 -6.41
CA ALA A 42 22.42 8.88 -5.09
C ALA A 42 23.32 9.65 -4.10
N SER A 43 24.34 10.32 -4.63
CA SER A 43 25.25 11.14 -3.85
C SER A 43 24.68 12.49 -3.46
N LYS A 44 23.49 12.80 -3.96
CA LYS A 44 22.76 14.01 -3.58
C LYS A 44 23.60 15.26 -3.81
N PRO A 45 23.89 15.53 -5.08
CA PRO A 45 24.88 16.55 -5.44
C PRO A 45 24.52 18.00 -5.07
N SER A 46 23.28 18.35 -4.80
CA SER A 46 22.95 19.72 -4.37
C SER A 46 22.92 19.93 -2.82
N GLU A 47 23.13 18.87 -2.06
CA GLU A 47 23.05 18.94 -0.61
C GLU A 47 24.45 18.69 -0.07
N ARG A 48 25.35 19.60 -0.40
CA ARG A 48 26.72 19.59 0.08
C ARG A 48 27.00 20.89 0.84
N GLY A 49 28.00 20.84 1.73
CA GLY A 49 28.42 22.02 2.44
C GLY A 49 28.88 23.10 1.49
N LEU A 50 29.80 22.76 0.59
CA LEU A 50 30.26 23.65 -0.45
C LEU A 50 30.17 23.05 -1.86
N VAL A 51 29.18 23.51 -2.63
CA VAL A 51 29.06 23.11 -4.03
C VAL A 51 30.08 23.87 -4.86
N ARG A 52 30.82 23.13 -5.67
CA ARG A 52 31.89 23.67 -6.50
C ARG A 52 31.71 23.05 -7.89
N GLN A 53 30.60 23.39 -8.51
CA GLN A 53 30.19 22.85 -9.79
C GLN A 53 31.26 23.07 -10.85
N GLU A 54 31.91 24.23 -10.75
CA GLU A 54 32.87 24.65 -11.77
C GLU A 54 34.09 23.74 -11.83
N GLU A 55 34.44 23.12 -10.71
CA GLU A 55 35.54 22.16 -10.65
C GLU A 55 35.30 20.84 -11.43
N ALA A 56 34.05 20.47 -11.61
CA ALA A 56 33.69 19.31 -12.41
C ALA A 56 33.68 19.58 -13.93
N GLU A 57 33.94 20.82 -14.33
CA GLU A 57 33.92 21.19 -15.73
C GLU A 57 35.07 20.57 -16.52
N ASP A 58 34.75 19.98 -17.67
CA ASP A 58 35.76 19.43 -18.55
C ASP A 58 35.35 19.61 -20.03
N PRO A 59 35.79 20.70 -20.66
CA PRO A 59 35.40 21.00 -22.06
C PRO A 59 35.96 20.00 -23.08
N ALA A 60 36.87 19.14 -22.64
CA ALA A 60 37.39 18.08 -23.48
C ALA A 60 36.30 17.07 -23.83
N CYS A 61 35.25 17.04 -23.01
CA CYS A 61 34.14 16.10 -23.17
C CYS A 61 32.93 16.72 -23.82
N ILE A 62 33.11 17.87 -24.49
CA ILE A 62 32.03 18.47 -25.26
C ILE A 62 31.63 17.40 -26.29
N PRO A 63 30.34 17.28 -26.60
CA PRO A 63 29.90 16.29 -27.57
C PRO A 63 30.33 16.60 -29.00
N ILE A 64 30.43 15.54 -29.81
CA ILE A 64 30.60 15.69 -31.25
C ILE A 64 29.31 16.14 -31.85
N PHE A 65 28.20 15.56 -31.40
CA PHE A 65 26.90 15.77 -32.02
C PHE A 65 25.80 16.09 -30.98
N TRP A 66 24.86 16.95 -31.35
CA TRP A 66 23.64 17.14 -30.59
C TRP A 66 22.56 17.62 -31.53
N VAL A 67 21.30 17.56 -31.09
CA VAL A 67 20.18 17.96 -31.92
C VAL A 67 19.98 19.46 -31.76
N SER A 68 20.00 20.13 -32.90
CA SER A 68 20.08 21.57 -33.02
C SER A 68 18.71 22.16 -33.27
N LYS A 69 17.92 21.42 -34.04
CA LYS A 69 16.53 21.79 -34.30
C LYS A 69 15.69 20.55 -34.52
N TRP A 70 14.38 20.70 -34.34
CA TRP A 70 13.47 19.58 -34.61
C TRP A 70 12.08 20.05 -34.92
N VAL A 71 11.35 19.24 -35.68
CA VAL A 71 9.96 19.48 -35.96
C VAL A 71 9.23 18.13 -35.84
N ASP A 72 8.23 18.10 -34.97
CA ASP A 72 7.37 16.96 -34.79
C ASP A 72 6.12 17.01 -35.69
N TYR A 73 6.21 16.37 -36.84
CA TYR A 73 5.02 16.15 -37.66
C TYR A 73 4.66 14.66 -37.66
N SER A 74 4.56 14.11 -36.46
CA SER A 74 4.32 12.68 -36.24
C SER A 74 2.91 12.28 -36.57
N ASP A 75 2.01 13.26 -36.55
CA ASP A 75 0.64 13.01 -36.96
C ASP A 75 0.57 12.34 -38.33
N LYS A 76 1.47 12.67 -39.28
CA LYS A 76 1.55 11.82 -40.49
C LYS A 76 2.84 11.70 -41.32
N TYR A 77 3.91 12.40 -40.97
CA TYR A 77 5.19 12.31 -41.69
C TYR A 77 6.25 11.63 -40.82
N GLY A 78 6.55 12.27 -39.69
CA GLY A 78 7.55 11.81 -38.75
C GLY A 78 8.16 12.96 -37.96
N LEU A 79 9.29 12.71 -37.30
CA LEU A 79 9.99 13.77 -36.63
C LEU A 79 11.25 14.10 -37.38
N GLY A 80 11.37 15.37 -37.78
CA GLY A 80 12.55 15.88 -38.44
C GLY A 80 13.45 16.64 -37.47
N TYR A 81 14.75 16.59 -37.70
CA TYR A 81 15.72 17.23 -36.85
C TYR A 81 16.99 17.59 -37.62
N GLN A 82 17.79 18.45 -37.00
CA GLN A 82 19.07 18.90 -37.51
C GLN A 82 20.08 18.65 -36.40
N LEU A 83 21.22 18.13 -36.81
CA LEU A 83 22.32 17.88 -35.90
C LEU A 83 23.24 19.09 -36.01
N CYS A 84 24.06 19.32 -35.00
CA CYS A 84 24.86 20.54 -34.91
C CYS A 84 25.87 20.72 -36.05
N ASP A 85 26.14 19.65 -36.80
CA ASP A 85 27.03 19.73 -37.94
C ASP A 85 26.30 20.07 -39.24
N ASN A 86 25.05 20.53 -39.13
CA ASN A 86 24.16 20.89 -40.24
C ASN A 86 23.55 19.72 -41.03
N SER A 87 23.91 18.49 -40.68
CA SER A 87 23.24 17.31 -41.18
C SER A 87 21.83 17.28 -40.62
N VAL A 88 20.97 16.56 -41.33
CA VAL A 88 19.57 16.48 -41.03
C VAL A 88 19.14 15.03 -41.08
N GLY A 89 18.08 14.70 -40.35
CA GLY A 89 17.53 13.37 -40.37
C GLY A 89 16.05 13.36 -40.10
N VAL A 90 15.41 12.26 -40.47
CA VAL A 90 14.03 12.06 -40.11
C VAL A 90 13.82 10.63 -39.62
N LEU A 91 12.96 10.51 -38.62
CA LEU A 91 12.54 9.23 -38.12
C LEU A 91 11.08 9.19 -38.49
N PHE A 92 10.78 8.46 -39.56
CA PHE A 92 9.44 8.37 -40.14
C PHE A 92 8.52 7.50 -39.32
N ASN A 93 7.23 7.64 -39.58
CA ASN A 93 6.20 6.93 -38.82
C ASN A 93 6.27 5.41 -38.98
N ASP A 94 6.76 4.95 -40.13
CA ASP A 94 6.98 3.51 -40.38
C ASP A 94 8.25 2.95 -39.73
N SER A 95 8.74 3.63 -38.69
CA SER A 95 9.95 3.26 -37.94
C SER A 95 11.25 3.21 -38.75
N THR A 96 11.29 3.86 -39.89
CA THR A 96 12.53 3.94 -40.67
C THR A 96 13.14 5.29 -40.48
N ARG A 97 14.41 5.43 -40.89
CA ARG A 97 15.07 6.71 -40.87
C ARG A 97 15.89 6.98 -42.12
N LEU A 98 16.13 8.27 -42.34
CA LEU A 98 16.90 8.79 -43.46
C LEU A 98 17.67 10.02 -43.02
N ILE A 99 18.97 10.01 -43.29
CA ILE A 99 19.96 10.97 -42.82
C ILE A 99 20.62 11.59 -44.04
N LEU A 100 20.66 12.92 -44.10
CA LEU A 100 21.43 13.64 -45.08
C LEU A 100 22.67 14.24 -44.42
N TYR A 101 23.86 13.89 -44.92
CA TYR A 101 25.11 14.46 -44.42
C TYR A 101 25.17 15.93 -44.83
N ASN A 102 26.05 16.69 -44.18
CA ASN A 102 26.18 18.12 -44.44
C ASN A 102 26.73 18.48 -45.82
N ASP A 103 27.23 17.48 -46.56
CA ASP A 103 27.60 17.71 -47.95
C ASP A 103 26.39 17.91 -48.86
N GLY A 104 25.20 17.50 -48.43
CA GLY A 104 23.98 17.80 -49.17
C GLY A 104 23.53 16.71 -50.12
N ASP A 105 24.27 15.60 -50.15
CA ASP A 105 24.04 14.52 -51.12
C ASP A 105 24.15 13.12 -50.54
N SER A 106 25.18 12.88 -49.73
CA SER A 106 25.39 11.58 -49.11
C SER A 106 24.22 11.24 -48.17
N LEU A 107 23.62 10.07 -48.35
CA LEU A 107 22.49 9.66 -47.56
C LEU A 107 22.82 8.40 -46.79
N GLN A 108 22.07 8.18 -45.73
CA GLN A 108 22.04 6.91 -45.05
C GLN A 108 20.58 6.59 -44.75
N TYR A 109 20.15 5.41 -45.18
CA TYR A 109 18.82 4.93 -44.91
C TYR A 109 18.96 3.76 -43.94
N ILE A 110 18.13 3.75 -42.91
CA ILE A 110 18.11 2.68 -41.92
C ILE A 110 16.71 2.12 -41.79
N GLU A 111 16.58 0.83 -42.06
CA GLU A 111 15.29 0.15 -41.99
C GLU A 111 14.89 -0.06 -40.54
N ARG A 112 13.72 -0.65 -40.37
CA ARG A 112 13.19 -1.00 -39.06
C ARG A 112 14.21 -1.77 -38.20
N ASP A 113 14.79 -2.84 -38.73
CA ASP A 113 15.65 -3.72 -37.94
C ASP A 113 17.14 -3.32 -37.93
N GLY A 114 17.40 -2.03 -38.12
CA GLY A 114 18.74 -1.49 -38.01
C GLY A 114 19.61 -1.53 -39.25
N THR A 115 19.16 -2.21 -40.30
CA THR A 115 19.91 -2.42 -41.55
C THR A 115 20.20 -1.10 -42.28
N GLU A 116 21.46 -0.88 -42.67
CA GLU A 116 21.93 0.43 -43.14
C GLU A 116 22.43 0.39 -44.58
N SER A 117 21.83 1.22 -45.44
CA SER A 117 22.30 1.40 -46.82
C SER A 117 22.81 2.82 -46.99
N TYR A 118 23.85 2.98 -47.82
CA TYR A 118 24.48 4.26 -48.06
C TYR A 118 24.23 4.62 -49.52
N LEU A 119 23.60 5.76 -49.76
CA LEU A 119 23.18 6.18 -51.09
C LEU A 119 23.52 7.64 -51.37
N THR A 120 23.15 8.14 -52.54
CA THR A 120 23.23 9.58 -52.77
C THR A 120 21.91 10.10 -53.32
N VAL A 121 21.67 11.38 -53.14
CA VAL A 121 20.50 12.02 -53.76
C VAL A 121 20.69 12.06 -55.28
N SER A 122 21.94 12.04 -55.74
CA SER A 122 22.23 11.99 -57.17
C SER A 122 21.81 10.64 -57.77
N SER A 123 22.29 9.55 -57.17
CA SER A 123 21.77 8.21 -57.47
C SER A 123 20.35 8.18 -56.96
N HIS A 124 19.43 7.74 -57.81
CA HIS A 124 18.04 8.09 -57.63
C HIS A 124 17.19 6.83 -57.50
N PRO A 125 17.37 6.06 -56.42
CA PRO A 125 16.49 4.91 -56.16
C PRO A 125 15.07 5.39 -55.97
N ASN A 126 14.21 5.03 -56.90
CA ASN A 126 12.85 5.52 -56.97
C ASN A 126 12.06 5.29 -55.69
N SER A 127 12.31 4.18 -55.03
CA SER A 127 11.60 3.80 -53.82
C SER A 127 11.74 4.80 -52.65
N LEU A 128 12.78 5.64 -52.67
CA LEU A 128 13.06 6.59 -51.60
C LEU A 128 12.83 8.06 -52.00
N MET A 129 12.43 8.32 -53.24
CA MET A 129 12.25 9.70 -53.70
C MET A 129 11.23 10.49 -52.87
N LYS A 130 10.17 9.83 -52.43
CA LYS A 130 9.17 10.49 -51.61
C LYS A 130 9.78 10.76 -50.23
N LYS A 131 10.47 9.78 -49.65
CA LYS A 131 11.11 9.98 -48.37
C LYS A 131 12.19 11.06 -48.43
N ILE A 132 12.94 11.14 -49.54
CA ILE A 132 13.97 12.17 -49.73
C ILE A 132 13.29 13.55 -49.91
N THR A 133 12.15 13.57 -50.58
CA THR A 133 11.44 14.83 -50.79
C THR A 133 10.99 15.42 -49.46
N LEU A 134 10.37 14.59 -48.64
CA LEU A 134 10.00 14.93 -47.27
C LEU A 134 11.18 15.43 -46.45
N LEU A 135 12.32 14.76 -46.52
CA LEU A 135 13.51 15.15 -45.75
C LEU A 135 13.99 16.53 -46.17
N LYS A 136 13.92 16.81 -47.45
CA LYS A 136 14.33 18.10 -47.98
C LYS A 136 13.34 19.17 -47.52
N TYR A 137 12.05 18.86 -47.45
CA TYR A 137 11.08 19.83 -46.94
C TYR A 137 11.36 20.13 -45.48
N PHE A 138 11.71 19.11 -44.68
CA PHE A 138 12.06 19.31 -43.28
C PHE A 138 13.29 20.21 -43.15
N ARG A 139 14.32 19.90 -43.91
CA ARG A 139 15.53 20.71 -43.89
C ARG A 139 15.27 22.18 -44.27
N ASN A 140 14.47 22.41 -45.31
CA ASN A 140 14.08 23.77 -45.68
C ASN A 140 13.28 24.44 -44.57
N TYR A 141 12.41 23.68 -43.94
CA TYR A 141 11.58 24.22 -42.90
C TYR A 141 12.40 24.69 -41.71
N MET A 142 13.40 23.90 -41.34
CA MET A 142 14.25 24.18 -40.18
C MET A 142 15.19 25.37 -40.42
N SER A 143 15.67 25.51 -41.65
CA SER A 143 16.54 26.63 -42.03
C SER A 143 15.82 27.95 -42.02
N GLU A 144 14.58 27.93 -42.47
CA GLU A 144 13.80 29.14 -42.63
C GLU A 144 13.21 29.62 -41.31
N HIS A 145 12.92 28.70 -40.39
CA HIS A 145 12.05 29.05 -39.27
C HIS A 145 12.64 28.87 -37.86
N LEU A 146 13.78 28.18 -37.73
CA LEU A 146 14.18 27.71 -36.38
C LEU A 146 15.63 28.00 -36.00
N LEU A 147 15.79 28.46 -34.76
CA LEU A 147 17.11 28.73 -34.16
C LEU A 147 17.94 27.46 -33.97
N LYS A 148 19.26 27.60 -34.12
CA LYS A 148 20.25 26.57 -33.90
C LYS A 148 20.67 26.50 -32.43
N ALA A 149 20.23 25.49 -31.69
CA ALA A 149 20.71 25.34 -30.31
C ALA A 149 22.19 25.07 -30.34
N GLY A 150 22.90 25.65 -29.39
CA GLY A 150 24.34 25.47 -29.27
C GLY A 150 25.15 26.03 -30.43
N ALA A 151 24.59 27.05 -31.08
CA ALA A 151 25.26 27.75 -32.17
C ALA A 151 26.60 28.31 -31.73
N ASN A 152 26.71 28.67 -30.46
CA ASN A 152 27.96 29.11 -29.85
C ASN A 152 28.71 27.96 -29.15
N ILE A 153 28.77 26.80 -29.78
CA ILE A 153 29.57 25.72 -29.23
C ILE A 153 30.43 25.18 -30.37
N THR A 154 31.72 25.03 -30.12
CA THR A 154 32.57 24.37 -31.08
C THR A 154 32.48 22.92 -30.72
N PRO A 155 31.94 22.06 -31.59
CA PRO A 155 31.88 20.62 -31.28
C PRO A 155 33.28 20.04 -31.19
N ARG A 156 33.40 18.99 -30.41
CA ARG A 156 34.64 18.26 -30.32
C ARG A 156 34.89 17.57 -31.67
N GLU A 157 36.16 17.50 -32.06
CA GLU A 157 36.56 16.72 -33.23
C GLU A 157 36.27 15.22 -32.97
N GLY A 158 35.61 14.58 -33.93
CA GLY A 158 35.30 13.16 -33.84
C GLY A 158 36.52 12.27 -33.88
N ASP A 159 36.38 11.07 -33.32
CA ASP A 159 37.50 10.14 -33.18
C ASP A 159 37.57 9.10 -34.32
N GLU A 160 38.18 9.49 -35.43
CA GLU A 160 38.72 8.55 -36.44
C GLU A 160 37.68 7.65 -37.09
N LEU A 161 37.46 7.83 -38.39
CA LEU A 161 36.29 7.27 -39.06
C LEU A 161 35.04 7.54 -38.22
N ALA A 162 34.86 8.81 -37.87
CA ALA A 162 33.75 9.24 -37.00
C ALA A 162 32.41 9.05 -37.72
N ARG A 163 31.52 8.26 -37.14
CA ARG A 163 30.23 7.91 -37.77
C ARG A 163 29.11 8.91 -37.41
N LEU A 164 28.33 9.31 -38.42
CA LEU A 164 27.11 10.07 -38.19
C LEU A 164 26.04 9.22 -37.49
N PRO A 165 25.52 9.67 -36.35
CA PRO A 165 24.41 8.98 -35.70
C PRO A 165 23.05 9.34 -36.31
N TYR A 166 22.07 8.52 -35.98
CA TYR A 166 20.70 8.72 -36.37
C TYR A 166 19.93 8.65 -35.10
N LEU A 167 18.66 9.06 -35.19
CA LEU A 167 17.78 9.10 -34.01
C LEU A 167 17.15 7.73 -33.80
N ARG A 168 17.52 7.05 -32.72
CA ARG A 168 16.94 5.75 -32.38
C ARG A 168 15.50 5.88 -31.89
N THR A 169 15.33 6.60 -30.79
CA THR A 169 14.03 6.82 -30.19
C THR A 169 13.86 8.26 -29.74
N TRP A 170 12.62 8.70 -29.69
CA TRP A 170 12.26 9.99 -29.08
C TRP A 170 10.85 9.97 -28.54
N PHE A 171 10.57 10.88 -27.60
CA PHE A 171 9.20 11.17 -27.17
C PHE A 171 9.10 12.50 -26.46
N ARG A 172 7.90 13.02 -26.27
CA ARG A 172 7.76 14.18 -25.42
C ARG A 172 6.62 14.10 -24.43
N THR A 173 6.83 14.72 -23.28
CA THR A 173 5.97 14.59 -22.11
C THR A 173 5.00 15.78 -22.02
N ARG A 174 5.21 16.69 -21.09
CA ARG A 174 4.56 18.00 -21.11
C ARG A 174 5.63 19.05 -20.87
N SER A 175 6.72 18.60 -20.28
CA SER A 175 7.83 19.42 -19.87
C SER A 175 8.96 19.40 -20.87
N ALA A 176 9.08 18.35 -21.66
CA ALA A 176 10.31 18.14 -22.40
C ALA A 176 10.20 17.19 -23.57
N ILE A 177 11.20 17.28 -24.43
CA ILE A 177 11.43 16.30 -25.47
C ILE A 177 12.76 15.59 -25.17
N ILE A 178 12.76 14.30 -25.44
CA ILE A 178 13.78 13.34 -25.08
C ILE A 178 14.17 12.62 -26.37
N LEU A 179 15.45 12.71 -26.73
CA LEU A 179 15.97 12.26 -28.01
C LEU A 179 17.16 11.35 -27.78
N HIS A 180 17.11 10.10 -28.23
CA HIS A 180 18.14 9.08 -27.94
C HIS A 180 18.84 8.81 -29.25
N LEU A 181 20.10 9.21 -29.38
CA LEU A 181 20.84 9.04 -30.63
C LEU A 181 21.56 7.69 -30.66
N SER A 182 21.97 7.25 -31.84
CA SER A 182 22.45 5.87 -32.02
C SER A 182 23.85 5.71 -31.45
N ASN A 183 24.51 6.82 -31.15
CA ASN A 183 25.82 6.74 -30.49
C ASN A 183 25.71 6.62 -29.00
N GLY A 184 24.50 6.46 -28.47
CA GLY A 184 24.27 6.33 -27.04
C GLY A 184 23.87 7.60 -26.26
N SER A 185 24.14 8.77 -26.83
CA SER A 185 23.83 9.98 -26.14
C SER A 185 22.31 10.23 -26.11
N VAL A 186 21.83 10.77 -24.99
CA VAL A 186 20.45 11.24 -24.94
C VAL A 186 20.40 12.75 -24.61
N GLN A 187 19.50 13.45 -25.28
CA GLN A 187 19.35 14.90 -25.14
C GLN A 187 17.93 15.18 -24.68
N ILE A 188 17.79 16.02 -23.66
CA ILE A 188 16.51 16.42 -23.10
C ILE A 188 16.41 17.99 -23.19
N ASN A 189 15.43 18.48 -23.93
CA ASN A 189 15.17 19.89 -24.12
C ASN A 189 13.90 20.20 -23.32
N PHE A 190 14.03 21.07 -22.33
CA PHE A 190 12.89 21.49 -21.52
C PHE A 190 12.21 22.70 -22.17
N PHE A 191 10.90 22.62 -22.29
CA PHE A 191 10.09 23.63 -22.98
C PHE A 191 9.95 24.96 -22.22
N GLN A 192 9.59 24.88 -20.94
CA GLN A 192 9.34 26.07 -20.13
C GLN A 192 10.47 27.08 -20.37
N ASP A 193 11.65 26.75 -19.88
CA ASP A 193 12.77 27.69 -19.82
C ASP A 193 13.84 27.52 -20.93
N HIS A 194 13.58 26.67 -21.91
CA HIS A 194 14.53 26.40 -22.98
C HIS A 194 15.89 25.86 -22.55
N THR A 195 16.04 25.34 -21.35
CA THR A 195 17.30 24.70 -20.94
C THR A 195 17.40 23.32 -21.55
N LYS A 196 18.61 22.78 -21.65
CA LYS A 196 18.90 21.57 -22.41
C LYS A 196 20.05 20.80 -21.78
N LEU A 197 19.87 19.49 -21.67
CA LEU A 197 20.90 18.57 -21.22
C LEU A 197 21.32 17.66 -22.41
N ILE A 198 22.61 17.35 -22.52
CA ILE A 198 23.10 16.32 -23.43
C ILE A 198 23.99 15.35 -22.66
N LEU A 199 23.56 14.09 -22.59
CA LEU A 199 24.26 13.07 -21.80
C LEU A 199 25.00 12.11 -22.73
N CYS A 200 26.26 11.85 -22.41
CA CYS A 200 27.09 10.92 -23.16
C CYS A 200 27.61 9.84 -22.24
N PRO A 201 27.14 8.62 -22.44
CA PRO A 201 27.59 7.50 -21.61
C PRO A 201 29.04 7.09 -21.93
N LEU A 202 29.62 7.47 -23.06
CA LEU A 202 31.01 7.14 -23.38
C LEU A 202 31.98 8.04 -22.63
N MET A 203 31.71 9.34 -22.63
CA MET A 203 32.44 10.32 -21.81
C MET A 203 32.01 10.31 -20.36
N ALA A 204 30.89 9.65 -20.07
CA ALA A 204 30.23 9.79 -18.77
C ALA A 204 30.14 11.29 -18.39
N ALA A 205 29.59 12.08 -19.31
CA ALA A 205 29.49 13.52 -19.09
C ALA A 205 28.09 14.02 -19.36
N VAL A 206 27.81 15.22 -18.90
CA VAL A 206 26.58 15.91 -19.20
C VAL A 206 26.92 17.36 -19.61
N THR A 207 26.40 17.83 -20.74
CA THR A 207 26.48 19.28 -20.96
C THR A 207 25.13 19.97 -20.71
N TYR A 208 25.21 21.05 -19.96
CA TYR A 208 24.03 21.81 -19.56
C TYR A 208 24.06 23.12 -20.31
N ILE A 209 22.98 23.39 -21.03
CA ILE A 209 22.73 24.66 -21.68
C ILE A 209 21.64 25.38 -20.86
N ASP A 210 22.01 26.57 -20.43
CA ASP A 210 21.25 27.44 -19.54
C ASP A 210 20.13 28.18 -20.21
N GLU A 211 19.33 28.86 -19.40
CA GLU A 211 18.33 29.81 -19.90
C GLU A 211 18.97 30.88 -20.76
N LYS A 212 20.14 31.38 -20.36
CA LYS A 212 20.85 32.37 -21.16
C LYS A 212 21.75 31.76 -22.24
N ARG A 213 21.48 30.52 -22.64
CA ARG A 213 22.23 29.83 -23.67
C ARG A 213 23.70 29.62 -23.35
N ASP A 214 24.04 29.70 -22.07
CA ASP A 214 25.40 29.45 -21.65
C ASP A 214 25.56 27.95 -21.48
N PHE A 215 26.68 27.44 -21.92
CA PHE A 215 26.86 25.99 -21.99
C PHE A 215 28.09 25.58 -21.19
N ARG A 216 27.98 24.50 -20.44
CA ARG A 216 29.10 23.90 -19.73
C ARG A 216 28.98 22.38 -19.89
N THR A 217 30.12 21.73 -20.04
CA THR A 217 30.19 20.28 -20.03
C THR A 217 30.84 19.83 -18.74
N TYR A 218 30.22 18.88 -18.05
CA TYR A 218 30.68 18.37 -16.75
C TYR A 218 30.90 16.85 -16.77
N ARG A 219 31.91 16.36 -16.08
CA ARG A 219 32.03 14.92 -15.86
C ARG A 219 31.14 14.52 -14.70
N LEU A 220 30.32 13.49 -14.91
CA LEU A 220 29.43 12.99 -13.89
C LEU A 220 30.19 12.54 -12.65
N SER A 221 31.39 12.00 -12.80
CA SER A 221 32.15 11.55 -11.63
C SER A 221 32.59 12.75 -10.78
N LEU A 222 32.92 13.87 -11.41
CA LEU A 222 33.30 15.07 -10.69
C LEU A 222 32.11 15.82 -10.05
N LEU A 223 30.92 15.75 -10.67
CA LEU A 223 29.73 16.26 -10.02
C LEU A 223 29.47 15.51 -8.73
N GLU A 224 29.75 14.21 -8.73
CA GLU A 224 29.66 13.42 -7.51
C GLU A 224 30.59 14.03 -6.45
N GLU A 225 31.84 14.28 -6.83
CA GLU A 225 32.81 14.77 -5.89
C GLU A 225 32.50 16.20 -5.39
N TYR A 226 32.25 17.13 -6.30
CA TYR A 226 32.13 18.55 -5.99
C TYR A 226 30.69 19.06 -5.82
N GLY A 227 29.72 18.34 -6.37
CA GLY A 227 28.34 18.75 -6.33
C GLY A 227 27.97 19.74 -7.43
N CYS A 228 26.69 20.11 -7.45
CA CYS A 228 26.19 21.10 -8.41
C CYS A 228 24.99 21.80 -7.80
N CYS A 229 24.57 22.89 -8.41
CA CYS A 229 23.38 23.61 -7.95
C CYS A 229 22.11 22.77 -8.02
N LYS A 230 21.08 23.21 -7.29
CA LYS A 230 19.77 22.59 -7.29
C LYS A 230 19.18 22.42 -8.69
N GLU A 231 19.35 23.42 -9.54
CA GLU A 231 18.73 23.41 -10.86
C GLU A 231 19.24 22.24 -11.70
N LEU A 232 20.55 22.02 -11.71
CA LEU A 232 21.09 20.92 -12.48
C LEU A 232 20.77 19.61 -11.77
N ALA A 233 20.84 19.60 -10.43
CA ALA A 233 20.46 18.40 -9.65
C ALA A 233 19.09 17.86 -10.02
N SER A 234 18.09 18.74 -10.04
CA SER A 234 16.73 18.35 -10.51
C SER A 234 16.70 17.89 -11.97
N ARG A 235 17.41 18.55 -12.87
CA ARG A 235 17.47 18.10 -14.26
C ARG A 235 18.06 16.67 -14.40
N LEU A 236 19.07 16.35 -13.60
CA LEU A 236 19.71 15.03 -13.62
C LEU A 236 18.82 13.94 -13.01
N ARG A 237 17.96 14.29 -12.07
CA ARG A 237 16.99 13.35 -11.47
C ARG A 237 15.89 13.06 -12.49
N TYR A 238 15.46 14.10 -13.19
CA TYR A 238 14.54 13.94 -14.31
C TYR A 238 15.16 13.12 -15.45
N ALA A 239 16.46 13.19 -15.66
CA ALA A 239 17.07 12.47 -16.75
C ALA A 239 17.09 10.98 -16.45
N ARG A 240 17.36 10.62 -15.20
CA ARG A 240 17.33 9.20 -14.78
C ARG A 240 15.96 8.58 -15.05
N THR A 241 14.90 9.20 -14.57
CA THR A 241 13.55 8.70 -14.85
C THR A 241 13.25 8.67 -16.34
N MET A 242 13.73 9.65 -17.08
CA MET A 242 13.55 9.58 -18.54
C MET A 242 14.31 8.40 -19.12
N VAL A 243 15.54 8.18 -18.67
CA VAL A 243 16.33 7.04 -19.13
C VAL A 243 15.75 5.69 -18.73
N ASP A 244 15.09 5.59 -17.57
CA ASP A 244 14.40 4.35 -17.16
C ASP A 244 13.25 4.10 -18.15
N LYS A 245 12.61 5.20 -18.56
CA LYS A 245 11.46 5.12 -19.47
C LYS A 245 11.94 4.57 -20.79
N LEU A 246 13.05 5.11 -21.27
CA LEU A 246 13.65 4.67 -22.54
C LEU A 246 14.03 3.20 -22.44
N LEU A 247 14.46 2.80 -21.25
CA LEU A 247 14.77 1.40 -21.00
C LEU A 247 13.51 0.55 -21.06
N SER A 248 12.44 0.99 -20.41
CA SER A 248 11.21 0.17 -20.35
C SER A 248 10.67 -0.15 -21.73
N SER A 249 10.98 0.70 -22.71
CA SER A 249 10.74 0.37 -24.11
C SER A 249 11.91 -0.52 -24.61
N ARG A 250 11.81 -1.81 -24.28
CA ARG A 250 12.83 -2.82 -24.57
C ARG A 250 12.53 -4.07 -23.76
N CYS B 28 11.96 4.79 7.87
CA CYS B 28 12.94 5.20 6.83
C CYS B 28 12.37 4.91 5.44
N HIS B 29 11.82 3.71 5.24
CA HIS B 29 11.16 3.37 3.98
C HIS B 29 9.80 4.06 3.92
N LEU B 30 9.14 4.20 5.07
CA LEU B 30 7.91 4.98 5.14
C LEU B 30 8.18 6.45 4.86
N SER B 31 9.28 6.99 5.39
CA SER B 31 9.67 8.39 5.20
C SER B 31 9.87 8.74 3.72
N ASP B 32 10.53 7.84 3.01
CA ASP B 32 10.74 7.98 1.58
C ASP B 32 9.43 7.82 0.81
N MET B 33 8.56 6.93 1.27
CA MET B 33 7.25 6.72 0.62
C MET B 33 6.37 7.95 0.73
N LEU B 34 6.36 8.60 1.89
CA LEU B 34 5.56 9.78 2.12
C LEU B 34 5.99 10.89 1.17
N GLN B 35 7.30 11.12 1.13
CA GLN B 35 7.92 12.07 0.21
C GLN B 35 7.47 11.87 -1.25
N GLN B 36 7.49 10.62 -1.70
CA GLN B 36 7.15 10.25 -3.07
C GLN B 36 5.66 10.51 -3.34
N LEU B 37 4.80 10.07 -2.42
CA LEU B 37 3.38 10.37 -2.53
C LEU B 37 3.12 11.89 -2.54
N HIS B 38 3.89 12.63 -1.73
CA HIS B 38 3.72 14.06 -1.53
C HIS B 38 3.99 14.82 -2.82
N SER B 39 5.07 14.49 -3.53
CA SER B 39 5.38 15.21 -4.76
C SER B 39 4.35 14.84 -5.83
N VAL B 40 3.95 13.57 -5.92
CA VAL B 40 2.97 13.20 -6.96
C VAL B 40 1.62 13.85 -6.68
N ASN B 41 1.19 13.83 -5.43
CA ASN B 41 -0.09 14.41 -5.05
C ASN B 41 -0.05 15.92 -5.21
N ALA B 42 1.04 16.55 -4.82
CA ALA B 42 1.24 17.99 -4.97
C ALA B 42 1.19 18.42 -6.43
N SER B 43 1.57 17.53 -7.34
CA SER B 43 1.57 17.83 -8.78
C SER B 43 0.17 17.74 -9.39
N LYS B 44 -0.81 17.28 -8.62
CA LYS B 44 -2.20 17.27 -9.05
C LYS B 44 -2.35 16.49 -10.35
N PRO B 45 -2.02 15.20 -10.31
CA PRO B 45 -1.90 14.40 -11.54
C PRO B 45 -3.20 14.28 -12.34
N SER B 46 -4.35 14.44 -11.72
CA SER B 46 -5.62 14.45 -12.46
C SER B 46 -5.95 15.79 -13.14
N GLU B 47 -5.24 16.86 -12.77
CA GLU B 47 -5.49 18.21 -13.30
C GLU B 47 -4.48 18.59 -14.37
N ARG B 48 -4.57 17.93 -15.52
CA ARG B 48 -3.58 18.09 -16.57
C ARG B 48 -4.23 18.48 -17.86
N GLY B 49 -3.46 19.09 -18.75
CA GLY B 49 -3.89 19.23 -20.14
C GLY B 49 -4.27 17.88 -20.71
N LEU B 50 -3.39 16.90 -20.55
CA LEU B 50 -3.64 15.58 -21.12
C LEU B 50 -3.04 14.47 -20.27
N VAL B 51 -3.90 13.72 -19.60
CA VAL B 51 -3.47 12.61 -18.75
C VAL B 51 -3.06 11.47 -19.70
N ARG B 52 -1.81 11.02 -19.58
CA ARG B 52 -1.33 9.85 -20.33
C ARG B 52 -0.88 8.75 -19.35
N GLN B 53 -1.78 8.34 -18.46
CA GLN B 53 -1.52 7.34 -17.40
C GLN B 53 -0.70 6.13 -17.89
N GLU B 54 -0.91 5.72 -19.12
CA GLU B 54 -0.33 4.50 -19.66
C GLU B 54 1.19 4.60 -19.91
N GLU B 55 1.64 5.82 -20.18
CA GLU B 55 3.07 6.11 -20.34
C GLU B 55 3.84 6.04 -19.00
N ALA B 56 3.11 5.91 -17.89
CA ALA B 56 3.73 5.80 -16.57
C ALA B 56 3.84 4.34 -16.12
N GLU B 57 3.32 3.42 -16.93
CA GLU B 57 3.41 1.99 -16.63
C GLU B 57 4.83 1.49 -16.83
N ASP B 58 5.34 0.77 -15.85
CA ASP B 58 6.63 0.09 -15.98
C ASP B 58 6.52 -1.35 -15.45
N PRO B 59 6.39 -2.30 -16.38
CA PRO B 59 6.36 -3.74 -16.10
C PRO B 59 7.43 -4.26 -15.15
N ALA B 60 8.63 -3.70 -15.18
CA ALA B 60 9.73 -4.16 -14.34
C ALA B 60 9.59 -3.84 -12.85
N CYS B 61 8.59 -3.03 -12.48
CA CYS B 61 8.38 -2.63 -11.08
C CYS B 61 7.30 -3.45 -10.40
N ILE B 62 6.75 -4.43 -11.12
CA ILE B 62 5.80 -5.37 -10.54
C ILE B 62 6.35 -5.89 -9.20
N PRO B 63 5.58 -5.82 -8.12
CA PRO B 63 6.03 -6.29 -6.81
C PRO B 63 6.29 -7.80 -6.73
N ILE B 64 7.24 -8.17 -5.90
CA ILE B 64 7.52 -9.58 -5.58
C ILE B 64 6.42 -10.08 -4.70
N PHE B 65 6.06 -9.31 -3.67
CA PHE B 65 5.05 -9.71 -2.71
C PHE B 65 3.92 -8.72 -2.51
N TRP B 66 2.75 -9.26 -2.25
CA TRP B 66 1.62 -8.52 -1.74
C TRP B 66 0.71 -9.47 -1.00
N VAL B 67 -0.13 -8.90 -0.15
CA VAL B 67 -1.10 -9.67 0.60
C VAL B 67 -2.29 -10.05 -0.29
N SER B 68 -2.46 -11.35 -0.46
CA SER B 68 -3.48 -11.99 -1.29
C SER B 68 -4.77 -12.25 -0.57
N LYS B 69 -4.65 -12.52 0.74
CA LYS B 69 -5.79 -12.77 1.61
C LYS B 69 -5.51 -12.31 3.04
N TRP B 70 -6.58 -12.09 3.79
CA TRP B 70 -6.45 -11.84 5.21
C TRP B 70 -7.76 -12.15 5.96
N VAL B 71 -7.63 -12.51 7.22
CA VAL B 71 -8.76 -12.66 8.13
C VAL B 71 -8.38 -11.97 9.43
N ASP B 72 -9.17 -10.98 9.82
CA ASP B 72 -8.95 -10.26 11.08
C ASP B 72 -9.67 -10.95 12.26
N TYR B 73 -8.94 -11.78 13.01
CA TYR B 73 -9.50 -12.43 14.21
C TYR B 73 -8.94 -11.82 15.49
N SER B 74 -8.76 -10.51 15.48
CA SER B 74 -8.07 -9.82 16.57
C SER B 74 -8.82 -9.80 17.90
N ASP B 75 -10.12 -10.08 17.89
CA ASP B 75 -10.85 -10.26 19.13
C ASP B 75 -10.15 -11.31 20.01
N LYS B 76 -9.75 -12.43 19.42
CA LYS B 76 -9.14 -13.54 20.17
C LYS B 76 -7.63 -13.74 19.94
N TYR B 77 -7.16 -13.56 18.71
CA TYR B 77 -5.85 -14.08 18.33
C TYR B 77 -4.96 -13.07 17.62
N GLY B 78 -5.41 -12.61 16.46
CA GLY B 78 -4.63 -11.72 15.64
C GLY B 78 -5.09 -11.75 14.21
N LEU B 79 -4.25 -11.28 13.30
CA LEU B 79 -4.59 -11.21 11.90
C LEU B 79 -3.79 -12.23 11.09
N GLY B 80 -4.50 -13.03 10.33
CA GLY B 80 -3.90 -14.00 9.43
C GLY B 80 -3.93 -13.47 8.02
N TYR B 81 -2.90 -13.80 7.25
CA TYR B 81 -2.84 -13.40 5.86
C TYR B 81 -2.08 -14.40 5.00
N GLN B 82 -2.37 -14.39 3.71
CA GLN B 82 -1.62 -15.12 2.72
C GLN B 82 -0.82 -14.10 1.92
N LEU B 83 0.39 -14.48 1.56
CA LEU B 83 1.21 -13.68 0.65
C LEU B 83 1.00 -14.33 -0.71
N CYS B 84 1.40 -13.66 -1.76
CA CYS B 84 1.02 -14.09 -3.09
C CYS B 84 1.78 -15.33 -3.57
N ASP B 85 2.86 -15.73 -2.87
CA ASP B 85 3.55 -17.01 -3.16
C ASP B 85 2.97 -18.20 -2.39
N ASN B 86 1.81 -17.98 -1.76
CA ASN B 86 1.09 -19.00 -1.00
C ASN B 86 1.61 -19.20 0.41
N SER B 87 2.66 -18.48 0.79
CA SER B 87 3.07 -18.43 2.18
C SER B 87 2.01 -17.69 2.98
N VAL B 88 1.95 -18.02 4.26
CA VAL B 88 0.94 -17.56 5.20
C VAL B 88 1.69 -16.92 6.38
N GLY B 89 0.97 -16.15 7.20
CA GLY B 89 1.52 -15.62 8.42
C GLY B 89 0.46 -15.07 9.37
N VAL B 90 0.82 -14.87 10.62
CA VAL B 90 -0.06 -14.14 11.50
C VAL B 90 0.73 -13.12 12.31
N LEU B 91 0.06 -12.01 12.55
CA LEU B 91 0.51 -11.02 13.50
C LEU B 91 -0.47 -11.23 14.65
N PHE B 92 -0.01 -11.97 15.66
CA PHE B 92 -0.74 -12.18 16.91
C PHE B 92 -0.87 -10.89 17.71
N ASN B 93 -1.86 -10.87 18.59
CA ASN B 93 -2.18 -9.69 19.41
C ASN B 93 -1.11 -9.20 20.35
N ASP B 94 -0.15 -10.06 20.73
CA ASP B 94 0.99 -9.66 21.58
C ASP B 94 2.18 -9.15 20.79
N SER B 95 1.93 -8.74 19.54
CA SER B 95 2.97 -8.21 18.68
C SER B 95 4.06 -9.25 18.31
N THR B 96 3.70 -10.53 18.24
CA THR B 96 4.61 -11.53 17.71
C THR B 96 4.10 -11.97 16.35
N ARG B 97 4.97 -12.53 15.52
CA ARG B 97 4.55 -13.01 14.22
C ARG B 97 5.07 -14.39 13.91
N LEU B 98 4.31 -15.14 13.15
CA LEU B 98 4.68 -16.48 12.77
C LEU B 98 4.36 -16.65 11.30
N ILE B 99 5.35 -17.10 10.55
CA ILE B 99 5.33 -17.18 9.09
C ILE B 99 5.55 -18.63 8.67
N LEU B 100 4.73 -19.10 7.76
CA LEU B 100 4.87 -20.44 7.24
C LEU B 100 5.13 -20.34 5.74
N TYR B 101 6.34 -20.68 5.33
CA TYR B 101 6.75 -20.63 3.93
C TYR B 101 5.84 -21.54 3.11
N ASN B 102 5.88 -21.38 1.79
CA ASN B 102 5.03 -22.19 0.91
C ASN B 102 5.52 -23.63 0.67
N ASP B 103 6.64 -24.03 1.26
CA ASP B 103 6.99 -25.46 1.27
C ASP B 103 6.12 -26.20 2.29
N GLY B 104 5.53 -25.45 3.22
CA GLY B 104 4.57 -25.97 4.17
C GLY B 104 5.23 -26.57 5.40
N ASP B 105 6.45 -26.14 5.69
CA ASP B 105 7.28 -26.73 6.74
C ASP B 105 8.18 -25.68 7.40
N SER B 106 8.93 -24.94 6.60
CA SER B 106 9.82 -23.93 7.12
C SER B 106 9.00 -22.86 7.85
N LEU B 107 9.49 -22.46 9.02
CA LEU B 107 8.80 -21.53 9.89
C LEU B 107 9.76 -20.41 10.23
N GLN B 108 9.19 -19.25 10.50
CA GLN B 108 9.94 -18.13 11.00
C GLN B 108 9.09 -17.52 12.07
N TYR B 109 9.61 -17.48 13.28
CA TYR B 109 8.94 -16.82 14.37
C TYR B 109 9.66 -15.50 14.62
N ILE B 110 8.94 -14.43 14.88
CA ILE B 110 9.55 -13.16 15.20
C ILE B 110 8.98 -12.57 16.49
N GLU B 111 9.87 -12.29 17.44
CA GLU B 111 9.47 -11.75 18.74
C GLU B 111 9.05 -10.27 18.65
N ARG B 112 8.72 -9.68 19.78
CA ARG B 112 8.21 -8.30 19.80
C ARG B 112 9.30 -7.30 19.40
N ASP B 113 10.54 -7.58 19.77
CA ASP B 113 11.65 -6.67 19.48
C ASP B 113 12.34 -6.95 18.14
N GLY B 114 11.81 -7.94 17.41
CA GLY B 114 12.26 -8.22 16.05
C GLY B 114 13.23 -9.39 15.92
N THR B 115 13.48 -10.11 17.01
CA THR B 115 14.36 -11.28 16.95
C THR B 115 13.72 -12.40 16.12
N GLU B 116 14.46 -12.92 15.14
CA GLU B 116 13.92 -13.94 14.23
C GLU B 116 14.51 -15.31 14.47
N SER B 117 13.65 -16.32 14.65
CA SER B 117 14.12 -17.70 14.76
C SER B 117 13.57 -18.51 13.60
N TYR B 118 14.42 -19.32 13.02
CA TYR B 118 14.06 -20.15 11.88
C TYR B 118 13.91 -21.59 12.37
N LEU B 119 12.80 -22.21 11.96
CA LEU B 119 12.23 -23.39 12.59
C LEU B 119 11.61 -24.27 11.52
N THR B 120 11.03 -25.40 11.95
CA THR B 120 10.18 -26.22 11.08
C THR B 120 8.97 -26.74 11.85
N VAL B 121 7.94 -27.13 11.10
CA VAL B 121 6.73 -27.70 11.68
C VAL B 121 7.10 -29.09 12.22
N SER B 122 7.86 -29.82 11.43
CA SER B 122 8.51 -31.03 11.90
C SER B 122 9.72 -30.59 12.73
N SER B 123 9.56 -30.55 14.04
CA SER B 123 10.62 -30.24 15.03
C SER B 123 10.44 -28.87 15.73
N HIS B 124 9.21 -28.39 15.83
CA HIS B 124 8.95 -27.14 16.51
C HIS B 124 9.12 -27.32 18.02
N PRO B 125 9.61 -26.29 18.71
CA PRO B 125 9.64 -26.34 20.17
C PRO B 125 8.21 -26.31 20.65
N ASN B 126 8.01 -26.89 21.82
CA ASN B 126 6.69 -27.04 22.39
C ASN B 126 6.03 -25.73 22.76
N SER B 127 6.83 -24.71 23.02
CA SER B 127 6.33 -23.40 23.42
C SER B 127 5.45 -22.76 22.34
N LEU B 128 5.63 -23.20 21.09
CA LEU B 128 5.00 -22.61 19.92
C LEU B 128 3.88 -23.47 19.31
N MET B 129 3.56 -24.61 19.95
CA MET B 129 2.46 -25.48 19.52
C MET B 129 1.11 -24.78 19.34
N LYS B 130 0.81 -23.86 20.25
CA LYS B 130 -0.46 -23.16 20.26
C LYS B 130 -0.53 -22.20 19.06
N LYS B 131 0.54 -21.43 18.88
CA LYS B 131 0.58 -20.44 17.82
C LYS B 131 0.69 -21.09 16.46
N ILE B 132 1.42 -22.21 16.37
CA ILE B 132 1.50 -22.95 15.11
C ILE B 132 0.18 -23.65 14.78
N THR B 133 -0.64 -23.92 15.79
CA THR B 133 -1.94 -24.52 15.58
C THR B 133 -2.92 -23.48 15.04
N LEU B 134 -2.95 -22.33 15.68
CA LEU B 134 -3.70 -21.18 15.20
C LEU B 134 -3.31 -20.79 13.77
N LEU B 135 -2.02 -20.87 13.45
CA LEU B 135 -1.57 -20.55 12.09
C LEU B 135 -2.14 -21.55 11.08
N LYS B 136 -2.12 -22.84 11.41
CA LYS B 136 -2.70 -23.85 10.52
C LYS B 136 -4.20 -23.62 10.34
N TYR B 137 -4.88 -23.19 11.41
CA TYR B 137 -6.31 -22.91 11.32
C TYR B 137 -6.57 -21.72 10.39
N PHE B 138 -5.92 -20.57 10.67
CA PHE B 138 -5.93 -19.37 9.79
C PHE B 138 -5.69 -19.77 8.34
N ARG B 139 -4.67 -20.60 8.13
CA ARG B 139 -4.27 -21.01 6.80
C ARG B 139 -5.36 -21.80 6.07
N ASN B 140 -6.02 -22.71 6.79
CA ASN B 140 -7.04 -23.58 6.20
C ASN B 140 -8.31 -22.78 5.90
N TYR B 141 -8.66 -21.87 6.80
CA TYR B 141 -9.83 -21.03 6.61
C TYR B 141 -9.70 -20.26 5.28
N MET B 142 -8.56 -19.61 5.11
CA MET B 142 -8.29 -18.79 3.93
C MET B 142 -8.32 -19.58 2.62
N SER B 143 -7.90 -20.85 2.66
CA SER B 143 -7.88 -21.71 1.47
C SER B 143 -9.26 -22.17 1.08
N GLU B 144 -10.17 -22.18 2.04
CA GLU B 144 -11.51 -22.75 1.87
C GLU B 144 -12.53 -21.68 1.52
N HIS B 145 -12.31 -20.45 2.01
CA HIS B 145 -13.35 -19.42 1.97
C HIS B 145 -13.02 -18.19 1.13
N LEU B 146 -11.76 -17.94 0.81
CA LEU B 146 -11.37 -16.61 0.33
C LEU B 146 -10.63 -16.60 -0.99
N LEU B 147 -10.87 -15.53 -1.74
CA LEU B 147 -10.32 -15.35 -3.07
C LEU B 147 -8.90 -14.85 -2.95
N LYS B 148 -8.00 -15.41 -3.75
CA LYS B 148 -6.62 -14.92 -3.86
C LYS B 148 -6.54 -13.61 -4.68
N ALA B 149 -6.30 -12.48 -4.01
CA ALA B 149 -6.35 -11.15 -4.66
C ALA B 149 -5.67 -11.01 -6.02
N GLY B 150 -4.38 -11.33 -6.15
CA GLY B 150 -3.72 -11.10 -7.44
C GLY B 150 -3.38 -12.36 -8.23
N ALA B 151 -4.34 -13.28 -8.29
CA ALA B 151 -4.11 -14.63 -8.83
C ALA B 151 -3.66 -14.61 -10.29
N ASN B 152 -4.27 -13.75 -11.07
CA ASN B 152 -3.90 -13.53 -12.47
C ASN B 152 -2.60 -12.72 -12.70
N ILE B 153 -1.77 -12.55 -11.66
CA ILE B 153 -0.55 -11.76 -11.77
C ILE B 153 0.69 -12.62 -11.55
N THR B 154 1.73 -12.34 -12.33
CA THR B 154 3.01 -13.02 -12.17
C THR B 154 3.94 -12.05 -11.46
N PRO B 155 4.25 -12.34 -10.18
CA PRO B 155 5.22 -11.53 -9.42
C PRO B 155 6.59 -11.57 -10.07
N ARG B 156 7.35 -10.49 -10.00
CA ARG B 156 8.70 -10.51 -10.57
C ARG B 156 9.61 -11.35 -9.69
N GLU B 157 10.73 -11.79 -10.24
CA GLU B 157 11.72 -12.56 -9.48
C GLU B 157 12.35 -11.68 -8.39
N GLY B 158 12.53 -12.25 -7.20
CA GLY B 158 13.20 -11.55 -6.11
C GLY B 158 14.65 -11.22 -6.41
N ASP B 159 15.19 -10.23 -5.68
CA ASP B 159 16.61 -9.88 -5.81
C ASP B 159 17.47 -10.71 -4.85
N GLU B 160 18.74 -10.86 -5.20
CA GLU B 160 19.81 -11.39 -4.32
C GLU B 160 19.35 -11.92 -2.95
N LEU B 161 19.41 -13.24 -2.76
CA LEU B 161 19.09 -13.87 -1.48
C LEU B 161 17.80 -13.29 -0.89
N ALA B 162 16.70 -13.54 -1.59
CA ALA B 162 15.44 -12.85 -1.32
C ALA B 162 14.90 -13.25 0.04
N ARG B 163 14.55 -12.25 0.87
CA ARG B 163 13.97 -12.51 2.18
C ARG B 163 12.45 -12.39 2.12
N LEU B 164 11.76 -13.43 2.57
CA LEU B 164 10.33 -13.38 2.78
C LEU B 164 10.01 -12.26 3.78
N PRO B 165 9.10 -11.35 3.46
CA PRO B 165 8.73 -10.32 4.43
C PRO B 165 7.69 -10.85 5.43
N TYR B 166 7.47 -10.10 6.51
CA TYR B 166 6.36 -10.35 7.41
C TYR B 166 5.55 -9.07 7.60
N LEU B 167 4.36 -9.20 8.17
CA LEU B 167 3.50 -8.04 8.37
C LEU B 167 3.93 -7.29 9.63
N ARG B 168 4.43 -6.08 9.45
CA ARG B 168 4.89 -5.27 10.56
C ARG B 168 3.71 -4.76 11.36
N THR B 169 2.86 -3.97 10.72
CA THR B 169 1.65 -3.45 11.36
C THR B 169 0.48 -3.45 10.38
N TRP B 170 -0.71 -3.25 10.91
CA TRP B 170 -1.89 -3.03 10.08
C TRP B 170 -2.92 -2.26 10.89
N PHE B 171 -3.87 -1.63 10.20
CA PHE B 171 -5.06 -1.01 10.80
C PHE B 171 -6.16 -0.83 9.75
N ARG B 172 -7.40 -0.62 10.20
CA ARG B 172 -8.56 -0.37 9.32
C ARG B 172 -9.11 1.05 9.55
N THR B 173 -9.92 1.60 8.64
CA THR B 173 -10.15 3.06 8.67
C THR B 173 -11.47 3.75 9.11
N ARG B 174 -12.57 3.74 8.36
CA ARG B 174 -13.38 2.62 7.85
C ARG B 174 -13.55 2.29 6.36
N SER B 175 -12.77 2.86 5.47
CA SER B 175 -12.97 2.60 4.04
C SER B 175 -12.04 1.52 3.51
N ALA B 176 -11.15 1.03 4.37
CA ALA B 176 -10.03 0.23 3.91
C ALA B 176 -9.22 -0.41 5.05
N ILE B 177 -8.41 -1.40 4.68
CA ILE B 177 -7.41 -1.99 5.56
C ILE B 177 -6.00 -1.64 5.02
N ILE B 178 -5.12 -1.17 5.91
CA ILE B 178 -3.75 -0.76 5.58
C ILE B 178 -2.77 -1.81 6.12
N LEU B 179 -1.83 -2.23 5.28
CA LEU B 179 -0.89 -3.31 5.60
C LEU B 179 0.55 -2.89 5.30
N HIS B 180 1.40 -2.96 6.30
CA HIS B 180 2.78 -2.55 6.17
C HIS B 180 3.66 -3.79 6.29
N LEU B 181 4.24 -4.20 5.17
CA LEU B 181 5.12 -5.36 5.14
C LEU B 181 6.54 -4.93 5.47
N SER B 182 7.31 -5.87 6.01
CA SER B 182 8.65 -5.58 6.51
C SER B 182 9.63 -5.15 5.40
N ASN B 183 9.33 -5.49 4.13
CA ASN B 183 10.16 -5.00 3.01
C ASN B 183 9.94 -3.53 2.67
N GLY B 184 9.12 -2.85 3.45
CA GLY B 184 8.85 -1.44 3.25
C GLY B 184 7.66 -1.16 2.36
N SER B 185 7.04 -2.16 1.75
CA SER B 185 5.89 -1.85 0.92
C SER B 185 4.64 -1.69 1.77
N VAL B 186 3.67 -0.94 1.26
CA VAL B 186 2.38 -0.84 1.93
C VAL B 186 1.25 -1.04 0.97
N GLN B 187 0.26 -1.77 1.45
CA GLN B 187 -0.82 -2.19 0.62
C GLN B 187 -2.05 -1.61 1.28
N ILE B 188 -2.94 -1.01 0.47
CA ILE B 188 -4.22 -0.51 0.93
C ILE B 188 -5.30 -1.20 0.11
N ASN B 189 -6.26 -1.81 0.81
CA ASN B 189 -7.37 -2.54 0.21
C ASN B 189 -8.66 -1.84 0.59
N PHE B 190 -9.38 -1.30 -0.38
CA PHE B 190 -10.66 -0.58 -0.12
C PHE B 190 -11.83 -1.58 -0.14
N PHE B 191 -12.62 -1.60 0.92
CA PHE B 191 -13.64 -2.63 1.11
C PHE B 191 -14.81 -2.51 0.16
N GLN B 192 -15.17 -1.26 -0.14
CA GLN B 192 -16.41 -1.00 -0.86
C GLN B 192 -16.34 -1.48 -2.29
N ASP B 193 -15.34 -1.00 -3.02
CA ASP B 193 -15.21 -1.29 -4.45
C ASP B 193 -14.12 -2.32 -4.77
N HIS B 194 -13.47 -2.84 -3.73
CA HIS B 194 -12.44 -3.88 -3.86
C HIS B 194 -11.20 -3.45 -4.63
N THR B 195 -10.93 -2.14 -4.70
CA THR B 195 -9.73 -1.69 -5.37
C THR B 195 -8.62 -1.74 -4.37
N LYS B 196 -7.38 -1.78 -4.88
CA LYS B 196 -6.22 -2.07 -4.06
C LYS B 196 -4.98 -1.36 -4.59
N LEU B 197 -4.26 -0.72 -3.68
CA LEU B 197 -3.00 -0.07 -3.96
C LEU B 197 -1.89 -0.90 -3.29
N ILE B 198 -0.80 -1.16 -4.02
CA ILE B 198 0.44 -1.68 -3.47
C ILE B 198 1.56 -0.70 -3.82
N LEU B 199 2.18 -0.11 -2.81
CA LEU B 199 3.19 0.92 -2.97
C LEU B 199 4.53 0.37 -2.49
N CYS B 200 5.55 0.50 -3.33
CA CYS B 200 6.89 0.07 -2.96
C CYS B 200 7.79 1.29 -3.08
N PRO B 201 8.37 1.74 -1.96
CA PRO B 201 9.26 2.90 -1.99
C PRO B 201 10.68 2.62 -2.48
N LEU B 202 11.07 1.36 -2.62
CA LEU B 202 12.40 1.04 -3.09
C LEU B 202 12.49 1.38 -4.58
N MET B 203 11.46 1.01 -5.33
CA MET B 203 11.36 1.39 -6.74
C MET B 203 10.43 2.56 -7.01
N ALA B 204 9.92 3.18 -5.94
CA ALA B 204 9.08 4.36 -6.07
C ALA B 204 7.94 4.07 -7.07
N ALA B 205 7.15 3.05 -6.73
CA ALA B 205 6.15 2.53 -7.65
C ALA B 205 4.86 2.16 -6.94
N VAL B 206 3.76 2.21 -7.69
CA VAL B 206 2.46 1.80 -7.20
C VAL B 206 1.84 0.84 -8.18
N THR B 207 1.21 -0.21 -7.69
CA THR B 207 0.35 -0.96 -8.57
C THR B 207 -1.09 -0.87 -8.12
N TYR B 208 -1.95 -0.57 -9.08
CA TYR B 208 -3.35 -0.35 -8.83
C TYR B 208 -4.07 -1.54 -9.41
N ILE B 209 -4.95 -2.13 -8.60
CA ILE B 209 -5.83 -3.21 -9.03
C ILE B 209 -7.23 -2.59 -8.97
N ASP B 210 -7.86 -2.43 -10.13
CA ASP B 210 -9.15 -1.74 -10.22
C ASP B 210 -10.31 -2.70 -9.90
N GLU B 211 -11.54 -2.23 -10.06
CA GLU B 211 -12.72 -3.03 -9.70
C GLU B 211 -12.88 -4.24 -10.63
N LYS B 212 -12.45 -4.08 -11.87
CA LYS B 212 -12.44 -5.17 -12.85
C LYS B 212 -11.30 -6.18 -12.65
N ARG B 213 -10.42 -5.91 -11.67
CA ARG B 213 -9.29 -6.77 -11.31
C ARG B 213 -8.18 -6.82 -12.34
N ASP B 214 -8.04 -5.77 -13.14
CA ASP B 214 -6.78 -5.65 -13.86
C ASP B 214 -5.81 -4.85 -13.04
N PHE B 215 -4.56 -5.04 -13.37
CA PHE B 215 -3.42 -4.78 -12.52
C PHE B 215 -2.48 -3.94 -13.41
N ARG B 216 -2.05 -2.79 -12.88
CA ARG B 216 -1.06 -1.98 -13.56
C ARG B 216 -0.05 -1.45 -12.56
N THR B 217 1.23 -1.51 -12.92
CA THR B 217 2.31 -0.98 -12.08
C THR B 217 2.86 0.28 -12.74
N TYR B 218 2.88 1.36 -11.98
CA TYR B 218 3.30 2.66 -12.43
C TYR B 218 4.47 3.16 -11.62
N ARG B 219 5.40 3.85 -12.27
CA ARG B 219 6.40 4.63 -11.58
C ARG B 219 5.72 5.92 -11.12
N LEU B 220 5.93 6.30 -9.86
CA LEU B 220 5.34 7.51 -9.31
C LEU B 220 5.88 8.80 -9.95
N SER B 221 7.17 8.83 -10.25
CA SER B 221 7.77 9.98 -10.93
C SER B 221 7.12 10.22 -12.30
N LEU B 222 6.72 9.13 -12.97
CA LEU B 222 6.08 9.19 -14.28
C LEU B 222 4.59 9.56 -14.20
N LEU B 223 3.91 9.18 -13.12
CA LEU B 223 2.54 9.65 -12.89
C LEU B 223 2.57 11.16 -12.67
N GLU B 224 3.59 11.63 -11.97
CA GLU B 224 3.76 13.07 -11.82
C GLU B 224 3.84 13.73 -13.18
N GLU B 225 4.62 13.15 -14.10
CA GLU B 225 4.87 13.79 -15.39
C GLU B 225 3.70 13.68 -16.35
N TYR B 226 3.06 12.52 -16.41
CA TYR B 226 2.06 12.21 -17.41
C TYR B 226 0.64 12.29 -16.85
N GLY B 227 0.51 12.31 -15.53
CA GLY B 227 -0.79 12.41 -14.88
C GLY B 227 -1.51 11.08 -14.73
N CYS B 228 -2.67 11.11 -14.08
CA CYS B 228 -3.55 9.93 -13.96
C CYS B 228 -5.01 10.29 -13.74
N CYS B 229 -5.88 9.31 -13.98
CA CYS B 229 -7.17 9.11 -13.30
C CYS B 229 -7.52 10.03 -12.16
N LYS B 230 -8.77 10.52 -12.13
CA LYS B 230 -9.37 11.02 -10.90
C LYS B 230 -9.33 9.90 -9.85
N GLU B 231 -9.67 8.68 -10.25
CA GLU B 231 -9.77 7.56 -9.31
C GLU B 231 -8.47 7.28 -8.58
N LEU B 232 -7.43 6.99 -9.34
CA LEU B 232 -6.13 6.67 -8.78
C LEU B 232 -5.59 7.87 -8.04
N ALA B 233 -5.81 9.08 -8.55
CA ALA B 233 -5.38 10.31 -7.85
C ALA B 233 -5.94 10.41 -6.44
N SER B 234 -7.23 10.15 -6.28
CA SER B 234 -7.85 10.18 -4.96
C SER B 234 -7.28 9.06 -4.07
N ARG B 235 -7.13 7.87 -4.63
CA ARG B 235 -6.52 6.76 -3.87
C ARG B 235 -5.11 7.06 -3.37
N LEU B 236 -4.34 7.80 -4.16
CA LEU B 236 -2.99 8.22 -3.74
C LEU B 236 -3.06 9.32 -2.69
N ARG B 237 -4.11 10.14 -2.77
CA ARG B 237 -4.38 11.17 -1.76
C ARG B 237 -4.68 10.47 -0.45
N TYR B 238 -5.59 9.52 -0.49
CA TYR B 238 -5.91 8.74 0.68
C TYR B 238 -4.66 8.00 1.19
N ALA B 239 -3.91 7.37 0.28
CA ALA B 239 -2.72 6.59 0.66
C ALA B 239 -1.72 7.38 1.46
N ARG B 240 -1.57 8.66 1.14
CA ARG B 240 -0.62 9.54 1.80
C ARG B 240 -1.00 9.81 3.26
N THR B 241 -2.28 10.02 3.49
CA THR B 241 -2.76 10.20 4.84
C THR B 241 -2.63 8.88 5.61
N MET B 242 -2.79 7.75 4.94
CA MET B 242 -2.51 6.46 5.58
C MET B 242 -1.04 6.31 5.93
N VAL B 243 -0.13 6.82 5.08
CA VAL B 243 1.30 6.71 5.37
C VAL B 243 1.67 7.60 6.55
N ASP B 244 1.01 8.76 6.68
CA ASP B 244 1.17 9.65 7.85
C ASP B 244 0.75 8.97 9.15
N LYS B 245 -0.42 8.34 9.16
CA LYS B 245 -0.86 7.54 10.31
C LYS B 245 0.20 6.52 10.77
N LEU B 246 0.75 5.76 9.82
CA LEU B 246 1.80 4.77 10.09
C LEU B 246 3.03 5.44 10.70
N LEU B 247 3.32 6.66 10.25
CA LEU B 247 4.51 7.41 10.68
C LEU B 247 4.41 7.87 12.13
N SER B 248 3.25 8.41 12.50
CA SER B 248 3.01 8.95 13.86
C SER B 248 3.52 8.01 14.96
N SER B 249 3.41 6.71 14.72
CA SER B 249 4.16 5.70 15.47
C SER B 249 4.89 4.76 14.52
N CYS C 28 -21.64 -7.25 11.78
CA CYS C 28 -21.80 -8.64 11.25
C CYS C 28 -21.85 -9.70 12.36
N HIS C 29 -21.31 -9.38 13.54
CA HIS C 29 -21.36 -10.33 14.64
C HIS C 29 -22.80 -10.57 15.11
N LEU C 30 -23.60 -9.50 15.21
CA LEU C 30 -24.99 -9.69 15.62
C LEU C 30 -25.77 -10.57 14.64
N SER C 31 -25.66 -10.27 13.35
CA SER C 31 -26.38 -11.05 12.33
C SER C 31 -25.85 -12.49 12.27
N ASP C 32 -24.57 -12.68 12.54
CA ASP C 32 -23.99 -14.01 12.67
C ASP C 32 -24.60 -14.78 13.84
N MET C 33 -24.86 -14.09 14.93
CA MET C 33 -25.46 -14.67 16.11
C MET C 33 -26.94 -14.97 15.91
N LEU C 34 -27.62 -14.15 15.10
CA LEU C 34 -29.03 -14.39 14.82
C LEU C 34 -29.19 -15.65 13.97
N GLN C 35 -28.31 -15.85 12.99
CA GLN C 35 -28.35 -17.08 12.20
C GLN C 35 -28.07 -18.30 13.09
N GLN C 36 -27.08 -18.22 13.95
CA GLN C 36 -26.75 -19.32 14.85
C GLN C 36 -27.92 -19.66 15.81
N LEU C 37 -28.56 -18.64 16.37
CA LEU C 37 -29.68 -18.85 17.29
C LEU C 37 -30.91 -19.37 16.52
N HIS C 38 -31.07 -18.92 15.27
CA HIS C 38 -32.22 -19.29 14.47
C HIS C 38 -32.22 -20.79 14.16
N SER C 39 -31.09 -21.36 13.74
CA SER C 39 -31.05 -22.78 13.41
C SER C 39 -31.24 -23.66 14.64
N VAL C 40 -30.54 -23.36 15.74
CA VAL C 40 -30.73 -24.14 16.98
C VAL C 40 -32.19 -24.08 17.44
N ASN C 41 -32.78 -22.89 17.41
CA ASN C 41 -34.16 -22.71 17.87
C ASN C 41 -35.18 -23.35 16.93
N ALA C 42 -34.87 -23.38 15.64
CA ALA C 42 -35.79 -23.96 14.65
C ALA C 42 -35.79 -25.49 14.72
N SER C 43 -34.72 -26.05 15.28
CA SER C 43 -34.58 -27.50 15.46
C SER C 43 -35.38 -28.02 16.65
N LYS C 44 -35.82 -27.12 17.52
CA LYS C 44 -36.66 -27.44 18.68
C LYS C 44 -35.99 -28.47 19.61
N PRO C 45 -34.85 -28.07 20.18
CA PRO C 45 -33.97 -29.01 20.91
C PRO C 45 -34.57 -29.62 22.17
N SER C 46 -35.60 -29.01 22.72
CA SER C 46 -36.27 -29.51 23.93
C SER C 46 -37.48 -30.40 23.60
N GLU C 47 -37.89 -30.39 22.34
CA GLU C 47 -39.09 -31.10 21.90
C GLU C 47 -38.74 -32.40 21.13
N ARG C 48 -37.54 -32.92 21.35
CA ARG C 48 -37.22 -34.27 20.89
C ARG C 48 -37.59 -35.28 21.99
N GLY C 49 -37.36 -36.55 21.71
CA GLY C 49 -37.34 -37.56 22.74
C GLY C 49 -36.00 -37.55 23.43
N LEU C 50 -34.99 -38.06 22.73
CA LEU C 50 -33.67 -38.29 23.31
C LEU C 50 -32.90 -36.98 23.43
N VAL C 51 -32.94 -36.42 24.64
CA VAL C 51 -32.14 -35.26 24.99
C VAL C 51 -30.84 -35.70 25.67
N ARG C 52 -29.74 -35.15 25.17
CA ARG C 52 -28.40 -35.46 25.65
C ARG C 52 -27.58 -34.17 25.74
N GLN C 53 -28.07 -33.25 26.55
CA GLN C 53 -27.51 -31.92 26.70
C GLN C 53 -26.00 -31.88 26.96
N GLU C 54 -25.50 -32.82 27.76
CA GLU C 54 -24.10 -32.78 28.20
C GLU C 54 -23.11 -33.17 27.09
N GLU C 55 -23.62 -33.80 26.03
CA GLU C 55 -22.78 -34.15 24.88
C GLU C 55 -22.45 -32.90 24.06
N ALA C 56 -23.26 -31.86 24.20
CA ALA C 56 -23.01 -30.59 23.52
C ALA C 56 -22.00 -29.69 24.26
N GLU C 57 -21.59 -30.06 25.46
CA GLU C 57 -20.56 -29.30 26.18
C GLU C 57 -19.23 -29.27 25.39
N ASP C 58 -18.54 -28.14 25.46
CA ASP C 58 -17.23 -27.95 24.83
C ASP C 58 -16.38 -26.94 25.62
N PRO C 59 -15.45 -27.44 26.44
CA PRO C 59 -14.50 -26.61 27.17
C PRO C 59 -13.75 -25.62 26.29
N ALA C 60 -13.37 -26.03 25.09
CA ALA C 60 -12.68 -25.15 24.16
C ALA C 60 -13.37 -23.78 24.02
N CYS C 61 -14.70 -23.77 24.05
CA CYS C 61 -15.47 -22.56 23.75
C CYS C 61 -15.77 -21.63 24.93
N ILE C 62 -15.17 -21.88 26.09
CA ILE C 62 -15.48 -21.07 27.26
C ILE C 62 -15.07 -19.60 27.00
N PRO C 63 -15.93 -18.64 27.33
CA PRO C 63 -15.60 -17.22 27.11
C PRO C 63 -14.49 -16.72 28.04
N ILE C 64 -13.69 -15.76 27.58
CA ILE C 64 -12.67 -15.14 28.41
C ILE C 64 -13.30 -13.98 29.19
N PHE C 65 -14.20 -13.23 28.54
CA PHE C 65 -14.75 -12.02 29.12
C PHE C 65 -16.27 -12.05 29.26
N TRP C 66 -16.76 -11.79 30.47
CA TRP C 66 -18.19 -11.52 30.75
C TRP C 66 -18.35 -10.40 31.80
N VAL C 67 -19.52 -9.78 31.83
CA VAL C 67 -19.81 -8.76 32.86
C VAL C 67 -20.16 -9.42 34.21
N SER C 68 -19.39 -9.07 35.22
CA SER C 68 -19.49 -9.66 36.55
C SER C 68 -20.37 -8.82 37.48
N LYS C 69 -20.39 -7.51 37.24
CA LYS C 69 -21.18 -6.59 38.04
C LYS C 69 -21.63 -5.42 37.17
N TRP C 70 -22.66 -4.71 37.63
CA TRP C 70 -23.16 -3.55 36.93
C TRP C 70 -24.13 -2.73 37.78
N VAL C 71 -24.18 -1.45 37.45
CA VAL C 71 -24.88 -0.44 38.23
C VAL C 71 -25.47 0.50 37.20
N ASP C 72 -26.79 0.60 37.18
CA ASP C 72 -27.46 1.48 36.23
C ASP C 72 -27.86 2.83 36.89
N TYR C 73 -26.97 3.81 36.78
CA TYR C 73 -27.31 5.18 37.16
C TYR C 73 -27.41 6.06 35.92
N SER C 74 -28.11 5.57 34.90
CA SER C 74 -28.17 6.24 33.59
C SER C 74 -28.95 7.55 33.60
N ASP C 75 -29.68 7.77 34.69
CA ASP C 75 -30.47 8.98 34.89
C ASP C 75 -29.63 10.24 35.15
N LYS C 76 -28.34 10.07 35.46
CA LYS C 76 -27.41 11.20 35.64
C LYS C 76 -25.96 10.93 35.21
N TYR C 77 -25.41 9.77 35.58
CA TYR C 77 -23.98 9.46 35.40
C TYR C 77 -23.67 8.50 34.24
N GLY C 78 -24.35 7.36 34.21
CA GLY C 78 -24.08 6.32 33.22
C GLY C 78 -24.28 4.91 33.73
N LEU C 79 -23.82 3.91 32.95
CA LEU C 79 -23.85 2.53 33.40
C LEU C 79 -22.44 2.03 33.69
N GLY C 80 -22.17 1.78 34.97
CA GLY C 80 -20.97 1.10 35.39
C GLY C 80 -21.09 -0.41 35.35
N TYR C 81 -19.96 -1.07 35.18
CA TYR C 81 -19.90 -2.53 35.15
C TYR C 81 -18.47 -3.01 35.41
N GLN C 82 -18.37 -4.20 35.98
CA GLN C 82 -17.08 -4.88 36.14
C GLN C 82 -17.02 -6.04 35.16
N LEU C 83 -15.88 -6.21 34.48
CA LEU C 83 -15.62 -7.44 33.73
C LEU C 83 -15.02 -8.44 34.68
N CYS C 84 -15.02 -9.72 34.28
CA CYS C 84 -14.64 -10.83 35.16
C CYS C 84 -13.15 -10.90 35.50
N ASP C 85 -12.35 -10.01 34.91
CA ASP C 85 -10.92 -9.91 35.25
C ASP C 85 -10.67 -8.69 36.14
N ASN C 86 -11.67 -8.30 36.92
CA ASN C 86 -11.63 -7.12 37.80
C ASN C 86 -11.48 -5.76 37.12
N SER C 87 -11.38 -5.72 35.79
CA SER C 87 -11.40 -4.47 35.04
C SER C 87 -12.80 -3.84 35.07
N VAL C 88 -12.88 -2.54 34.79
CA VAL C 88 -14.10 -1.78 34.99
C VAL C 88 -14.29 -0.74 33.89
N GLY C 89 -15.50 -0.71 33.32
CA GLY C 89 -15.87 0.36 32.43
C GLY C 89 -17.15 1.06 32.87
N VAL C 90 -17.31 2.31 32.46
CA VAL C 90 -18.61 2.97 32.49
C VAL C 90 -18.94 3.50 31.10
N LEU C 91 -20.24 3.67 30.87
CA LEU C 91 -20.74 4.15 29.62
C LEU C 91 -21.57 5.39 29.95
N PHE C 92 -20.93 6.56 29.80
CA PHE C 92 -21.49 7.84 30.20
C PHE C 92 -22.74 8.23 29.39
N ASN C 93 -23.46 9.24 29.87
CA ASN C 93 -24.66 9.72 29.21
C ASN C 93 -24.38 10.54 27.96
N ASP C 94 -23.12 10.98 27.80
CA ASP C 94 -22.67 11.64 26.56
C ASP C 94 -22.19 10.67 25.47
N SER C 95 -22.48 9.38 25.65
CA SER C 95 -22.16 8.31 24.68
C SER C 95 -20.66 7.99 24.51
N THR C 96 -19.85 8.37 25.49
CA THR C 96 -18.44 7.99 25.50
C THR C 96 -18.23 6.92 26.56
N ARG C 97 -17.13 6.18 26.47
CA ARG C 97 -16.85 5.08 27.39
C ARG C 97 -15.44 5.17 27.94
N LEU C 98 -15.29 4.95 29.24
CA LEU C 98 -13.97 4.88 29.86
C LEU C 98 -13.76 3.52 30.50
N ILE C 99 -12.61 2.93 30.21
CA ILE C 99 -12.25 1.63 30.73
C ILE C 99 -10.97 1.81 31.54
N LEU C 100 -10.93 1.15 32.69
CA LEU C 100 -9.74 1.09 33.53
C LEU C 100 -9.37 -0.38 33.65
N TYR C 101 -8.18 -0.74 33.17
CA TYR C 101 -7.73 -2.13 33.17
C TYR C 101 -7.45 -2.55 34.62
N ASN C 102 -7.29 -3.85 34.84
CA ASN C 102 -7.18 -4.36 36.21
C ASN C 102 -5.88 -4.03 36.96
N ASP C 103 -4.94 -3.35 36.30
CA ASP C 103 -3.72 -2.85 36.95
C ASP C 103 -3.92 -1.49 37.64
N GLY C 104 -5.16 -1.01 37.69
CA GLY C 104 -5.52 0.18 38.44
C GLY C 104 -4.95 1.48 37.90
N ASP C 105 -4.58 1.47 36.62
CA ASP C 105 -3.71 2.50 36.07
C ASP C 105 -4.04 2.82 34.62
N SER C 106 -3.83 1.86 33.73
CA SER C 106 -4.05 2.08 32.29
C SER C 106 -5.54 2.25 31.99
N LEU C 107 -5.80 2.91 30.86
CA LEU C 107 -7.15 3.32 30.46
C LEU C 107 -7.33 3.18 28.94
N GLN C 108 -8.48 2.65 28.52
CA GLN C 108 -8.93 2.79 27.15
C GLN C 108 -10.13 3.73 27.15
N TYR C 109 -10.09 4.77 26.32
CA TYR C 109 -11.18 5.74 26.23
C TYR C 109 -11.72 5.80 24.80
N ILE C 110 -13.04 5.95 24.67
CA ILE C 110 -13.71 5.85 23.38
C ILE C 110 -14.67 7.02 23.20
N GLU C 111 -14.41 7.87 22.21
CA GLU C 111 -15.22 9.07 21.95
C GLU C 111 -16.56 8.68 21.32
N ARG C 112 -17.43 9.67 21.10
CA ARG C 112 -18.75 9.40 20.54
C ARG C 112 -18.68 8.71 19.16
N ASP C 113 -17.67 9.08 18.36
CA ASP C 113 -17.53 8.52 17.01
C ASP C 113 -16.98 7.09 17.01
N GLY C 114 -16.03 6.82 17.90
CA GLY C 114 -15.47 5.48 18.06
C GLY C 114 -13.94 5.40 18.09
N THR C 115 -13.28 6.44 18.60
CA THR C 115 -11.82 6.48 18.68
C THR C 115 -11.31 5.58 19.80
N GLU C 116 -10.03 5.26 19.79
CA GLU C 116 -9.42 4.43 20.85
C GLU C 116 -8.08 5.00 21.31
N SER C 117 -8.10 5.70 22.45
CA SER C 117 -6.89 6.28 23.05
C SER C 117 -6.46 5.45 24.25
N TYR C 118 -5.16 5.45 24.53
CA TYR C 118 -4.62 4.70 25.67
C TYR C 118 -3.77 5.59 26.58
N LEU C 119 -4.40 6.07 27.64
CA LEU C 119 -3.76 6.92 28.64
C LEU C 119 -3.51 6.09 29.88
N THR C 120 -2.93 6.71 30.90
CA THR C 120 -2.82 6.10 32.23
C THR C 120 -3.45 7.01 33.28
N VAL C 121 -3.53 6.52 34.52
CA VAL C 121 -4.13 7.30 35.60
C VAL C 121 -3.08 8.23 36.21
N SER C 122 -1.84 7.75 36.29
CA SER C 122 -0.72 8.57 36.76
C SER C 122 -0.40 9.72 35.79
N SER C 123 -0.75 9.54 34.52
CA SER C 123 -0.56 10.56 33.48
C SER C 123 -1.37 11.84 33.76
N HIS C 124 -2.47 11.70 34.52
CA HIS C 124 -3.26 12.84 34.99
C HIS C 124 -3.74 13.78 33.85
N PRO C 125 -4.59 13.27 32.96
CA PRO C 125 -5.19 14.10 31.91
C PRO C 125 -6.35 14.95 32.47
N ASN C 126 -6.42 16.20 32.04
CA ASN C 126 -7.36 17.15 32.65
C ASN C 126 -8.75 17.10 32.00
N SER C 127 -8.81 16.78 30.70
CA SER C 127 -10.08 16.73 29.97
C SER C 127 -10.95 15.52 30.38
N LEU C 128 -10.32 14.46 30.87
CA LEU C 128 -11.03 13.30 31.41
C LEU C 128 -10.82 13.17 32.93
N MET C 129 -10.67 14.28 33.64
CA MET C 129 -10.45 14.23 35.09
C MET C 129 -11.72 13.83 35.84
N LYS C 130 -12.85 14.38 35.41
CA LYS C 130 -14.13 14.09 36.05
C LYS C 130 -14.65 12.68 35.67
N LYS C 131 -14.25 12.19 34.51
CA LYS C 131 -14.69 10.89 34.01
C LYS C 131 -13.93 9.75 34.68
N ILE C 132 -12.63 9.92 34.90
CA ILE C 132 -11.87 8.91 35.62
C ILE C 132 -12.34 8.87 37.06
N THR C 133 -12.66 10.04 37.63
CA THR C 133 -13.17 10.14 38.99
C THR C 133 -14.46 9.38 39.14
N LEU C 134 -15.40 9.67 38.24
CA LEU C 134 -16.68 8.98 38.15
C LEU C 134 -16.50 7.47 38.07
N LEU C 135 -15.55 7.03 37.25
CA LEU C 135 -15.29 5.60 37.06
C LEU C 135 -14.80 4.98 38.36
N LYS C 136 -14.00 5.74 39.11
CA LYS C 136 -13.46 5.26 40.38
C LYS C 136 -14.52 4.97 41.43
N TYR C 137 -15.52 5.85 41.60
CA TYR C 137 -16.57 5.55 42.60
C TYR C 137 -17.54 4.47 42.15
N PHE C 138 -17.78 4.34 40.84
CA PHE C 138 -18.50 3.19 40.30
C PHE C 138 -17.76 1.92 40.73
N ARG C 139 -16.45 1.92 40.54
CA ARG C 139 -15.59 0.81 40.97
C ARG C 139 -15.62 0.64 42.50
N ASN C 140 -15.70 1.75 43.22
CA ASN C 140 -15.85 1.70 44.68
C ASN C 140 -17.17 1.08 45.12
N TYR C 141 -18.25 1.51 44.48
CA TYR C 141 -19.58 1.00 44.80
C TYR C 141 -19.65 -0.49 44.51
N MET C 142 -19.12 -0.89 43.36
CA MET C 142 -19.21 -2.28 42.92
C MET C 142 -18.43 -3.21 43.85
N SER C 143 -17.28 -2.75 44.32
CA SER C 143 -16.48 -3.50 45.29
C SER C 143 -17.27 -3.71 46.57
N GLU C 144 -17.86 -2.62 47.07
CA GLU C 144 -18.49 -2.60 48.37
C GLU C 144 -19.74 -3.44 48.48
N HIS C 145 -20.54 -3.50 47.41
CA HIS C 145 -21.94 -3.91 47.53
C HIS C 145 -22.40 -5.09 46.67
N LEU C 146 -21.61 -5.48 45.66
CA LEU C 146 -22.11 -6.38 44.62
C LEU C 146 -21.29 -7.66 44.43
N LEU C 147 -22.00 -8.77 44.24
CA LEU C 147 -21.40 -10.09 44.07
C LEU C 147 -20.78 -10.25 42.68
N LYS C 148 -19.74 -11.06 42.58
CA LYS C 148 -19.07 -11.33 41.31
C LYS C 148 -19.79 -12.45 40.58
N ALA C 149 -20.41 -12.15 39.45
CA ALA C 149 -21.00 -13.17 38.61
C ALA C 149 -19.87 -13.94 37.94
N GLY C 150 -20.04 -15.25 37.80
CA GLY C 150 -18.97 -16.11 37.33
C GLY C 150 -17.78 -16.12 38.26
N ASP C 159 -5.19 -17.80 28.05
CA ASP C 159 -5.70 -17.30 26.77
C ASP C 159 -4.85 -16.13 26.29
N GLU C 160 -4.61 -15.19 27.20
CA GLU C 160 -3.66 -14.07 27.06
C GLU C 160 -3.73 -13.18 25.79
N LEU C 161 -3.87 -13.80 24.62
CA LEU C 161 -4.00 -13.06 23.35
C LEU C 161 -5.31 -12.26 23.19
N ALA C 162 -6.36 -12.60 23.93
CA ALA C 162 -7.67 -11.98 23.67
C ALA C 162 -7.73 -10.52 24.12
N ARG C 163 -8.53 -9.74 23.43
CA ARG C 163 -8.60 -8.29 23.63
C ARG C 163 -9.73 -7.96 24.59
N LEU C 164 -9.49 -7.04 25.52
CA LEU C 164 -10.52 -6.67 26.47
C LEU C 164 -11.60 -5.85 25.75
N PRO C 165 -12.83 -6.34 25.76
CA PRO C 165 -13.93 -5.63 25.11
C PRO C 165 -14.44 -4.58 26.04
N TYR C 166 -15.15 -3.60 25.48
CA TYR C 166 -15.95 -2.66 26.22
C TYR C 166 -17.44 -2.97 25.91
N LEU C 167 -18.35 -2.30 26.60
CA LEU C 167 -19.79 -2.48 26.37
C LEU C 167 -20.28 -1.52 25.30
N ARG C 168 -20.79 -2.07 24.19
CA ARG C 168 -21.25 -1.29 23.05
C ARG C 168 -22.58 -0.65 23.35
N THR C 169 -23.54 -1.50 23.72
CA THR C 169 -24.92 -1.11 24.03
C THR C 169 -25.48 -2.08 25.05
N TRP C 170 -26.54 -1.63 25.68
CA TRP C 170 -27.21 -2.44 26.68
C TRP C 170 -28.60 -1.89 26.81
N PHE C 171 -29.51 -2.70 27.28
CA PHE C 171 -30.81 -2.20 27.70
C PHE C 171 -31.38 -3.15 28.72
N ARG C 172 -32.47 -2.68 29.34
CA ARG C 172 -33.17 -3.36 30.40
C ARG C 172 -34.60 -3.64 29.97
N THR C 173 -35.09 -4.85 30.20
CA THR C 173 -36.52 -5.15 30.12
C THR C 173 -37.05 -5.37 31.54
N ARG C 174 -38.31 -5.81 31.63
CA ARG C 174 -38.89 -6.16 32.90
C ARG C 174 -38.24 -7.41 33.51
N SER C 175 -37.71 -8.31 32.67
CA SER C 175 -37.19 -9.63 33.10
C SER C 175 -35.67 -9.83 32.97
N ALA C 176 -34.95 -8.93 32.29
CA ALA C 176 -33.52 -9.16 32.07
C ALA C 176 -32.76 -7.90 31.69
N ILE C 177 -31.44 -7.99 31.83
CA ILE C 177 -30.55 -6.97 31.30
C ILE C 177 -29.75 -7.60 30.17
N ILE C 178 -29.60 -6.85 29.10
CA ILE C 178 -28.91 -7.34 27.91
C ILE C 178 -27.70 -6.44 27.68
N LEU C 179 -26.57 -7.09 27.44
CA LEU C 179 -25.28 -6.42 27.38
C LEU C 179 -24.55 -6.98 26.16
N HIS C 180 -24.25 -6.10 25.20
CA HIS C 180 -23.59 -6.46 23.96
C HIS C 180 -22.19 -5.88 24.04
N LEU C 181 -21.19 -6.75 24.08
CA LEU C 181 -19.80 -6.30 24.20
C LEU C 181 -19.17 -6.15 22.81
N SER C 182 -18.08 -5.37 22.74
CA SER C 182 -17.44 -5.03 21.46
C SER C 182 -16.77 -6.20 20.74
N ASN C 183 -16.67 -7.35 21.39
CA ASN C 183 -16.26 -8.59 20.72
C ASN C 183 -17.41 -9.41 20.16
N GLY C 184 -18.62 -8.88 20.18
CA GLY C 184 -19.77 -9.58 19.61
C GLY C 184 -20.58 -10.39 20.60
N SER C 185 -19.97 -10.70 21.75
CA SER C 185 -20.66 -11.45 22.80
C SER C 185 -21.92 -10.71 23.24
N VAL C 186 -23.01 -11.44 23.45
CA VAL C 186 -24.12 -10.81 24.17
C VAL C 186 -24.47 -11.62 25.41
N GLN C 187 -24.46 -10.92 26.54
CA GLN C 187 -24.78 -11.48 27.83
C GLN C 187 -26.20 -11.05 28.22
N ILE C 188 -26.97 -12.00 28.73
CA ILE C 188 -28.33 -11.75 29.22
C ILE C 188 -28.44 -12.32 30.63
N ASN C 189 -28.65 -11.42 31.61
CA ASN C 189 -28.91 -11.78 33.00
C ASN C 189 -30.40 -11.55 33.32
N PHE C 190 -31.11 -12.62 33.63
CA PHE C 190 -32.50 -12.58 34.08
C PHE C 190 -32.58 -12.30 35.58
N PHE C 191 -33.41 -11.34 35.97
CA PHE C 191 -33.50 -10.87 37.34
C PHE C 191 -34.04 -11.95 38.29
N GLN C 192 -35.30 -12.37 38.08
CA GLN C 192 -35.95 -13.41 38.91
C GLN C 192 -35.01 -14.59 39.22
N ASP C 193 -34.68 -15.34 38.18
CA ASP C 193 -33.87 -16.56 38.27
C ASP C 193 -32.47 -16.35 38.83
N HIS C 194 -31.93 -15.15 38.58
CA HIS C 194 -30.49 -14.89 38.65
C HIS C 194 -29.67 -15.74 37.66
N THR C 195 -30.34 -16.40 36.71
CA THR C 195 -29.63 -17.17 35.68
C THR C 195 -29.11 -16.25 34.59
N LYS C 196 -28.06 -16.69 33.90
CA LYS C 196 -27.35 -15.85 32.96
C LYS C 196 -26.92 -16.65 31.74
N LEU C 197 -26.76 -15.92 30.65
CA LEU C 197 -26.35 -16.46 29.35
C LEU C 197 -25.20 -15.61 28.77
N ILE C 198 -24.19 -16.25 28.21
CA ILE C 198 -23.16 -15.57 27.43
C ILE C 198 -23.04 -16.27 26.09
N LEU C 199 -23.50 -15.59 25.04
CA LEU C 199 -23.46 -16.10 23.68
C LEU C 199 -22.26 -15.45 22.96
N CYS C 200 -21.44 -16.28 22.30
CA CYS C 200 -20.32 -15.82 21.48
C CYS C 200 -20.56 -16.26 20.05
N PRO C 201 -20.72 -15.32 19.13
CA PRO C 201 -20.92 -15.70 17.73
C PRO C 201 -19.63 -16.21 17.05
N LEU C 202 -18.47 -15.96 17.64
CA LEU C 202 -17.19 -16.43 17.09
C LEU C 202 -17.02 -17.92 17.31
N MET C 203 -17.16 -18.32 18.57
CA MET C 203 -17.14 -19.72 18.96
C MET C 203 -18.45 -20.40 18.61
N ALA C 204 -19.47 -19.61 18.26
CA ALA C 204 -20.83 -20.12 18.04
C ALA C 204 -21.27 -20.93 19.26
N ALA C 205 -21.16 -20.29 20.43
CA ALA C 205 -21.31 -20.94 21.71
C ALA C 205 -22.30 -20.24 22.63
N VAL C 206 -22.79 -20.97 23.63
CA VAL C 206 -23.51 -20.40 24.73
C VAL C 206 -22.99 -21.00 26.02
N THR C 207 -22.80 -20.17 27.03
CA THR C 207 -22.62 -20.72 28.36
C THR C 207 -23.78 -20.24 29.20
N TYR C 208 -24.33 -21.20 29.93
CA TYR C 208 -25.47 -21.01 30.81
C TYR C 208 -24.94 -21.03 32.22
N ILE C 209 -25.32 -20.02 32.99
CA ILE C 209 -25.07 -19.99 34.41
C ILE C 209 -26.39 -20.29 35.15
N ASP C 210 -26.45 -21.48 35.73
CA ASP C 210 -27.57 -21.94 36.55
C ASP C 210 -27.97 -20.99 37.68
N GLU C 211 -29.13 -21.31 38.25
CA GLU C 211 -29.63 -20.77 39.52
C GLU C 211 -28.69 -21.19 40.64
N LYS C 212 -28.18 -22.42 40.53
CA LYS C 212 -27.18 -22.95 41.46
C LYS C 212 -25.77 -22.36 41.25
N ARG C 213 -25.63 -21.38 40.36
CA ARG C 213 -24.35 -20.77 40.01
C ARG C 213 -23.37 -21.72 39.29
N ASP C 214 -23.90 -22.72 38.60
CA ASP C 214 -23.10 -23.61 37.77
C ASP C 214 -22.82 -23.00 36.38
N PHE C 215 -21.58 -23.09 35.93
CA PHE C 215 -21.09 -22.58 34.65
C PHE C 215 -20.95 -23.77 33.67
N ARG C 216 -21.61 -23.72 32.52
CA ARG C 216 -21.41 -24.74 31.48
C ARG C 216 -21.49 -24.16 30.06
N THR C 217 -20.46 -24.45 29.27
CA THR C 217 -20.34 -23.98 27.89
C THR C 217 -20.73 -25.08 26.90
N TYR C 218 -21.71 -24.77 26.05
CA TYR C 218 -22.20 -25.66 25.02
C TYR C 218 -21.98 -25.03 23.65
N ARG C 219 -21.56 -25.84 22.68
CA ARG C 219 -21.59 -25.44 21.28
C ARG C 219 -23.02 -25.51 20.76
N LEU C 220 -23.47 -24.43 20.12
CA LEU C 220 -24.86 -24.27 19.66
C LEU C 220 -25.25 -25.30 18.60
N SER C 221 -24.33 -25.63 17.71
CA SER C 221 -24.59 -26.64 16.67
C SER C 221 -24.72 -28.05 17.26
N LEU C 222 -24.00 -28.29 18.35
CA LEU C 222 -24.13 -29.54 19.10
C LEU C 222 -25.42 -29.60 19.89
N LEU C 223 -25.91 -28.45 20.37
CA LEU C 223 -27.23 -28.39 21.02
C LEU C 223 -28.34 -28.70 20.00
N GLU C 224 -28.05 -28.48 18.71
CA GLU C 224 -28.96 -28.82 17.63
C GLU C 224 -29.01 -30.33 17.38
N GLU C 225 -27.84 -30.97 17.41
CA GLU C 225 -27.73 -32.41 17.18
C GLU C 225 -28.31 -33.22 18.36
N TYR C 226 -27.95 -32.85 19.57
CA TYR C 226 -28.24 -33.66 20.76
C TYR C 226 -29.44 -33.19 21.57
N GLY C 227 -29.87 -31.95 21.36
CA GLY C 227 -31.02 -31.40 22.08
C GLY C 227 -30.62 -30.93 23.46
N CYS C 228 -31.52 -30.23 24.14
CA CYS C 228 -31.27 -29.69 25.48
C CYS C 228 -32.56 -29.59 26.30
N CYS C 229 -32.42 -29.33 27.60
CA CYS C 229 -33.56 -29.14 28.50
C CYS C 229 -34.46 -27.96 28.07
N LYS C 230 -35.75 -28.09 28.38
CA LYS C 230 -36.73 -27.01 28.26
C LYS C 230 -36.17 -25.65 28.71
N GLU C 231 -35.46 -25.64 29.83
CA GLU C 231 -35.06 -24.39 30.46
C GLU C 231 -34.09 -23.61 29.58
N LEU C 232 -33.05 -24.29 29.09
CA LEU C 232 -32.09 -23.65 28.20
C LEU C 232 -32.73 -23.25 26.88
N ALA C 233 -33.54 -24.13 26.30
CA ALA C 233 -34.18 -23.86 25.01
C ALA C 233 -35.04 -22.62 25.07
N SER C 234 -35.71 -22.41 26.20
CA SER C 234 -36.53 -21.23 26.40
C SER C 234 -35.66 -19.98 26.52
N ARG C 235 -34.57 -20.07 27.27
CA ARG C 235 -33.63 -18.96 27.40
C ARG C 235 -33.11 -18.57 26.02
N LEU C 236 -32.96 -19.56 25.14
CA LEU C 236 -32.39 -19.35 23.82
C LEU C 236 -33.38 -18.76 22.82
N ARG C 237 -34.67 -19.00 23.05
CA ARG C 237 -35.73 -18.35 22.29
C ARG C 237 -35.71 -16.89 22.64
N TYR C 238 -35.64 -16.62 23.94
CA TYR C 238 -35.59 -15.24 24.45
C TYR C 238 -34.35 -14.52 23.91
N ALA C 239 -33.21 -15.20 23.93
CA ALA C 239 -31.96 -14.67 23.38
C ALA C 239 -32.15 -14.22 21.93
N ARG C 240 -32.84 -15.02 21.13
CA ARG C 240 -33.12 -14.68 19.73
C ARG C 240 -33.91 -13.39 19.57
N THR C 241 -34.97 -13.23 20.35
CA THR C 241 -35.80 -12.03 20.20
C THR C 241 -35.02 -10.80 20.60
N MET C 242 -34.12 -10.98 21.55
CA MET C 242 -33.22 -9.94 22.04
C MET C 242 -32.14 -9.51 21.06
N VAL C 243 -31.57 -10.48 20.33
CA VAL C 243 -30.60 -10.16 19.31
C VAL C 243 -31.24 -9.46 18.12
N ASP C 244 -32.45 -9.87 17.75
CA ASP C 244 -33.28 -9.12 16.77
C ASP C 244 -33.50 -7.68 17.22
N LYS C 245 -33.70 -7.49 18.53
CA LYS C 245 -33.86 -6.15 19.06
C LYS C 245 -32.56 -5.37 19.04
N LEU C 246 -31.43 -6.02 19.26
CA LEU C 246 -30.16 -5.31 19.15
C LEU C 246 -29.92 -4.91 17.71
N LEU C 247 -30.43 -5.71 16.78
CA LEU C 247 -30.29 -5.45 15.36
C LEU C 247 -31.06 -4.21 14.92
N SER C 248 -32.27 -4.01 15.45
CA SER C 248 -33.09 -2.88 15.02
C SER C 248 -32.66 -1.61 15.75
N SER C 249 -32.24 -1.76 17.01
CA SER C 249 -31.85 -0.64 17.84
C SER C 249 -30.43 -0.22 17.50
N MET D 1 -13.75 -9.38 10.70
CA MET D 1 -13.71 -8.98 9.25
C MET D 1 -12.73 -9.86 8.47
N GLN D 2 -13.02 -10.08 7.19
CA GLN D 2 -12.24 -10.96 6.33
C GLN D 2 -12.13 -10.38 4.92
N SER D 3 -11.14 -10.82 4.17
CA SER D 3 -10.93 -10.30 2.83
C SER D 3 -12.06 -10.91 1.98
N TPO D 4 -12.10 -10.58 0.69
CA TPO D 4 -13.20 -10.92 -0.21
CB TPO D 4 -12.81 -10.23 -1.50
CG2 TPO D 4 -13.87 -10.41 -2.58
OG1 TPO D 4 -12.58 -8.85 -1.19
P TPO D 4 -11.33 -7.96 -1.71
O1P TPO D 4 -10.99 -8.62 -3.24
O2P TPO D 4 -10.58 -8.64 -0.38
O3P TPO D 4 -12.09 -6.47 -1.54
C TPO D 4 -13.44 -12.44 -0.35
O TPO D 4 -12.29 -13.16 -0.75
N PRO D 5 -14.65 -12.99 -0.15
CA PRO D 5 -14.90 -14.44 -0.25
C PRO D 5 -14.94 -15.00 -1.68
N LEU D 6 -14.80 -16.32 -1.79
CA LEU D 6 -14.82 -17.01 -3.08
C LEU D 6 -16.20 -16.96 -3.74
N MET E 1 4.08 20.32 -33.69
CA MET E 1 4.94 20.90 -32.62
C MET E 1 6.36 21.16 -33.10
N GLN E 2 7.02 22.10 -32.43
CA GLN E 2 8.20 22.76 -32.95
C GLN E 2 9.24 23.00 -31.88
N SER E 3 10.49 22.93 -32.32
CA SER E 3 11.67 23.45 -31.65
C SER E 3 11.64 25.02 -31.64
N TPO E 4 12.50 25.69 -30.86
CA TPO E 4 12.47 27.16 -30.70
CB TPO E 4 13.55 27.49 -29.66
CG2 TPO E 4 13.62 28.99 -29.34
OG1 TPO E 4 13.32 26.75 -28.47
P TPO E 4 14.39 25.79 -27.78
O1P TPO E 4 15.91 26.45 -27.61
O2P TPO E 4 14.29 24.80 -29.12
O3P TPO E 4 13.45 25.69 -26.40
C TPO E 4 12.66 27.97 -32.00
O TPO E 4 13.80 27.61 -32.77
N PRO E 5 11.78 28.92 -32.37
CA PRO E 5 11.93 29.67 -33.64
C PRO E 5 12.99 30.75 -33.69
N LEU E 6 13.29 31.18 -34.91
CA LEU E 6 14.05 32.42 -35.15
C LEU E 6 13.19 33.63 -34.82
N MET F 1 -30.68 1.41 39.66
CA MET F 1 -30.85 -0.08 39.67
C MET F 1 -29.48 -0.73 39.52
N GLN F 2 -29.32 -1.92 40.10
CA GLN F 2 -28.01 -2.56 40.22
C GLN F 2 -28.09 -4.10 40.11
N SER F 3 -26.93 -4.72 39.95
CA SER F 3 -26.82 -6.18 39.86
C SER F 3 -26.96 -6.81 41.27
N TPO F 4 -26.75 -8.12 41.36
CA TPO F 4 -27.04 -8.89 42.56
CB TPO F 4 -26.95 -10.37 42.19
CG2 TPO F 4 -27.34 -11.26 43.38
OG1 TPO F 4 -27.82 -10.63 41.08
P TPO F 4 -27.41 -11.47 39.76
O1P TPO F 4 -26.47 -12.81 40.24
O2P TPO F 4 -26.62 -10.00 39.51
O3P TPO F 4 -28.96 -11.83 39.20
C TPO F 4 -26.14 -8.45 43.71
O TPO F 4 -24.74 -8.54 43.48
N PRO F 5 -26.66 -8.00 44.86
CA PRO F 5 -25.80 -7.60 45.99
C PRO F 5 -25.16 -8.78 46.74
N LEU F 6 -24.28 -8.45 47.68
CA LEU F 6 -23.57 -9.45 48.49
C LEU F 6 -24.49 -10.02 49.57
#